data_7AIW
#
_entry.id   7AIW
#
_cell.length_a   91.930
_cell.length_b   106.510
_cell.length_c   150.680
_cell.angle_alpha   90.000
_cell.angle_beta   90.000
_cell.angle_gamma   90.000
#
_symmetry.space_group_name_H-M   'P 21 21 21'
#
loop_
_entity.id
_entity.type
_entity.pdbx_description
1 polymer Acetylcholinesterase
2 non-polymer E)-10-[(3-Chloro-6,7,10,11-tetrahydro-9-methyl-7,11-methanocycloocta[b]quinolin-12-yl)amino]-N-(4-hydroxy-3-methoxybenzyl)-6-decenamide
3 non-polymer 2-acetamido-2-deoxy-beta-D-glucopyranose
4 non-polymer 'CHLORIDE ION'
5 non-polymer '2-(N-MORPHOLINO)-ETHANESULFONIC ACID'
6 non-polymer DI(HYDROXYETHYL)ETHER
7 water water
#
_entity_poly.entity_id   1
_entity_poly.type   'polypeptide(L)'
_entity_poly.pdbx_seq_one_letter_code
;MNLLVTSSLGVLLHLVVLCQADDHSELLVNTKSGKVMGTRVPVLSSHISAFLGIPFAEPPVGNMRFRRPEPKKPWSGVWN
ASTYPNNCQQYVDEQFPGFSGSEMWNPNREMSEDCLYLNIWVPSPRPKSTTVMVWIYGGGFYSGSSTLDVYNGKYLAYTE
EVVLVSLSYRVGAFGFLALHGSQEAPGNVGLLDQRMALQWVHDNIQFFGGDPKTVTIFGESAGGASVGMHILSPGSRDLF
RRAILQSGSPNCPWASVSVAEGRRRAVELGRNLNCNLNSDEELIHCLREKKPQELIDVEWNVLPFDSIFRFSFVPVIDGE
FFPTSLESMLNSGNFKKTQILLGVNKDEGSFFLLYGAPGFSKDSESKISREDFMSGVKLSVPHANDLGLDAVTLQYTDWM
DDNNGIKNRDGLDDIVGDHNVICPLMHFVNKYTKFGNGTYLYFFNHRASNLVWPEWMGVIHGYEIEFVFGLPLVKELNYT
AEEEALSRRIMHYWATFAKTGNPNEPHSQESKWPLFTTKEQKFIDLNTEPMKVHQRLRVQMCVFWNQFLPKLLNATACDG
ELSSSGTSSSKGIIFYVLFSILYLIF
;
_entity_poly.pdbx_strand_id   A,B
#
loop_
_chem_comp.id
_chem_comp.type
_chem_comp.name
_chem_comp.formula
8U5 non-polymer E)-10-[(3-Chloro-6,7,10,11-tetrahydro-9-methyl-7,11-methanocycloocta[b]quinolin-12-yl)amino]-N-(4-hydroxy-3-methoxybenzyl)-6-decenamide 'C35 H46 Cl N3 O3'
CL non-polymer 'CHLORIDE ION' 'Cl -1'
MES non-polymer '2-(N-MORPHOLINO)-ETHANESULFONIC ACID' 'C6 H13 N O4 S'
NAG D-saccharide, beta linking 2-acetamido-2-deoxy-beta-D-glucopyranose 'C8 H15 N O6'
PEG non-polymer DI(HYDROXYETHYL)ETHER 'C4 H10 O3'
#
# COMPACT_ATOMS: atom_id res chain seq x y z
N SER A 25 -15.37 -46.34 -1.38
CA SER A 25 -15.75 -45.95 -0.03
C SER A 25 -15.78 -44.42 0.07
N GLU A 26 -14.60 -43.80 0.20
CA GLU A 26 -14.55 -42.35 0.16
C GLU A 26 -14.83 -41.82 -1.25
N LEU A 27 -14.39 -42.54 -2.27
CA LEU A 27 -14.61 -42.15 -3.65
C LEU A 27 -15.87 -42.76 -4.25
N LEU A 28 -16.55 -43.64 -3.53
CA LEU A 28 -17.76 -44.29 -4.04
C LEU A 28 -18.96 -43.72 -3.31
N VAL A 29 -19.84 -43.06 -4.05
CA VAL A 29 -20.95 -42.32 -3.45
C VAL A 29 -22.23 -42.72 -4.17
N ASN A 30 -23.24 -43.12 -3.41
CA ASN A 30 -24.54 -43.47 -3.96
C ASN A 30 -25.44 -42.24 -3.91
N THR A 31 -25.87 -41.77 -5.07
CA THR A 31 -26.76 -40.63 -5.16
C THR A 31 -28.17 -41.12 -5.48
N LYS A 32 -29.12 -40.20 -5.40
CA LYS A 32 -30.51 -40.53 -5.73
C LYS A 32 -30.69 -40.89 -7.20
N SER A 33 -29.75 -40.53 -8.07
CA SER A 33 -29.82 -40.92 -9.47
C SER A 33 -28.95 -42.14 -9.79
N GLY A 34 -28.09 -42.58 -8.88
CA GLY A 34 -27.23 -43.72 -9.13
C GLY A 34 -25.88 -43.54 -8.49
N LYS A 35 -25.02 -44.55 -8.62
CA LYS A 35 -23.71 -44.53 -7.98
C LYS A 35 -22.68 -43.79 -8.83
N VAL A 36 -21.75 -43.12 -8.14
CA VAL A 36 -20.68 -42.35 -8.75
CA VAL A 36 -20.67 -42.38 -8.79
C VAL A 36 -19.35 -42.79 -8.14
N MET A 37 -18.31 -42.86 -8.96
CA MET A 37 -16.97 -43.17 -8.50
C MET A 37 -16.07 -41.99 -8.85
N GLY A 38 -15.58 -41.29 -7.82
CA GLY A 38 -14.69 -40.17 -7.99
C GLY A 38 -13.23 -40.59 -8.10
N THR A 39 -12.35 -39.59 -8.00
CA THR A 39 -10.93 -39.82 -8.14
C THR A 39 -10.19 -39.03 -7.07
N ARG A 40 -9.04 -39.54 -6.62
CA ARG A 40 -8.23 -38.87 -5.63
CA ARG A 40 -8.21 -38.87 -5.63
C ARG A 40 -7.21 -37.99 -6.35
N VAL A 41 -7.27 -36.68 -6.12
CA VAL A 41 -6.44 -35.73 -6.84
C VAL A 41 -5.44 -35.06 -5.89
N PRO A 42 -4.20 -34.83 -6.34
CA PRO A 42 -3.25 -34.09 -5.51
C PRO A 42 -3.60 -32.62 -5.47
N VAL A 43 -3.25 -31.99 -4.36
CA VAL A 43 -3.42 -30.55 -4.19
C VAL A 43 -2.46 -30.10 -3.11
N LEU A 44 -1.52 -29.23 -3.47
CA LEU A 44 -0.62 -28.54 -2.54
C LEU A 44 -0.05 -29.49 -1.48
N SER A 45 0.58 -30.58 -1.94
CA SER A 45 1.21 -31.57 -1.09
C SER A 45 0.22 -32.39 -0.26
N SER A 46 -1.06 -32.35 -0.62
CA SER A 46 -2.06 -33.18 0.03
C SER A 46 -2.94 -33.77 -1.07
N HIS A 47 -4.13 -34.24 -0.70
CA HIS A 47 -5.06 -34.81 -1.66
C HIS A 47 -6.48 -34.51 -1.22
N ILE A 48 -7.38 -34.43 -2.19
CA ILE A 48 -8.81 -34.38 -1.93
C ILE A 48 -9.52 -35.26 -2.95
N SER A 49 -10.84 -35.34 -2.82
CA SER A 49 -11.66 -36.17 -3.69
C SER A 49 -12.34 -35.29 -4.72
N ALA A 50 -12.31 -35.74 -5.98
CA ALA A 50 -12.97 -35.03 -7.07
C ALA A 50 -13.98 -35.97 -7.71
N PHE A 51 -15.17 -35.46 -7.94
CA PHE A 51 -16.20 -36.17 -8.68
C PHE A 51 -16.48 -35.30 -9.90
N LEU A 52 -15.96 -35.72 -11.06
CA LEU A 52 -15.96 -34.91 -12.25
C LEU A 52 -16.97 -35.42 -13.25
N GLY A 53 -17.71 -34.51 -13.86
CA GLY A 53 -18.63 -34.84 -14.93
C GLY A 53 -19.84 -35.65 -14.52
N ILE A 54 -20.47 -35.31 -13.40
CA ILE A 54 -21.69 -36.00 -12.98
C ILE A 54 -22.87 -35.42 -13.76
N PRO A 55 -23.67 -36.25 -14.42
CA PRO A 55 -24.82 -35.72 -15.17
C PRO A 55 -25.95 -35.33 -14.24
N PHE A 56 -26.60 -34.19 -14.51
CA PHE A 56 -27.74 -33.79 -13.72
C PHE A 56 -29.00 -33.59 -14.54
N ALA A 57 -28.93 -33.68 -15.86
CA ALA A 57 -30.09 -33.54 -16.72
C ALA A 57 -29.96 -34.55 -17.86
N GLU A 58 -31.10 -34.85 -18.48
CA GLU A 58 -31.09 -35.59 -19.73
C GLU A 58 -30.38 -34.77 -20.81
N PRO A 59 -29.60 -35.41 -21.68
CA PRO A 59 -28.93 -34.67 -22.76
C PRO A 59 -29.94 -33.89 -23.58
N PRO A 60 -29.76 -32.59 -23.70
CA PRO A 60 -30.74 -31.74 -24.40
C PRO A 60 -30.53 -31.74 -25.91
N VAL A 61 -30.63 -32.94 -26.50
CA VAL A 61 -30.27 -33.15 -27.90
C VAL A 61 -31.51 -33.48 -28.72
N GLY A 62 -31.37 -33.38 -30.03
CA GLY A 62 -32.45 -33.79 -30.92
C GLY A 62 -33.65 -32.89 -30.78
N ASN A 63 -34.81 -33.50 -30.51
CA ASN A 63 -36.03 -32.72 -30.31
C ASN A 63 -36.04 -32.01 -28.96
N MET A 64 -35.02 -32.20 -28.13
CA MET A 64 -34.93 -31.50 -26.86
CA MET A 64 -34.90 -31.52 -26.84
C MET A 64 -34.05 -30.25 -26.94
N ARG A 65 -33.56 -29.90 -28.12
CA ARG A 65 -32.83 -28.66 -28.28
C ARG A 65 -33.79 -27.51 -28.13
N PHE A 66 -33.41 -26.52 -27.31
CA PHE A 66 -34.15 -25.32 -26.96
C PHE A 66 -35.18 -25.59 -25.86
N ARG A 67 -35.40 -26.84 -25.46
CA ARG A 67 -36.41 -27.18 -24.46
CA ARG A 67 -36.41 -27.17 -24.47
C ARG A 67 -35.87 -27.03 -23.04
N ARG A 68 -36.80 -26.88 -22.10
CA ARG A 68 -36.44 -26.94 -20.69
C ARG A 68 -35.71 -28.26 -20.43
N PRO A 69 -34.75 -28.27 -19.51
CA PRO A 69 -34.10 -29.55 -19.17
C PRO A 69 -35.05 -30.48 -18.45
N GLU A 70 -34.81 -31.77 -18.63
CA GLU A 70 -35.46 -32.82 -17.85
C GLU A 70 -34.44 -33.47 -16.93
N PRO A 71 -34.84 -33.86 -15.72
CA PRO A 71 -33.89 -34.52 -14.82
C PRO A 71 -33.23 -35.71 -15.49
N LYS A 72 -31.98 -35.99 -15.09
CA LYS A 72 -31.28 -37.16 -15.58
C LYS A 72 -31.94 -38.43 -15.08
N LYS A 73 -32.20 -39.38 -15.99
CA LYS A 73 -32.82 -40.62 -15.59
C LYS A 73 -31.84 -41.48 -14.80
N PRO A 74 -32.26 -42.07 -13.69
CA PRO A 74 -31.37 -42.92 -12.92
C PRO A 74 -30.67 -43.98 -13.78
N TRP A 75 -29.41 -44.22 -13.48
CA TRP A 75 -28.59 -45.19 -14.18
C TRP A 75 -28.21 -46.32 -13.24
N SER A 76 -28.02 -47.50 -13.81
CA SER A 76 -27.53 -48.62 -13.03
C SER A 76 -26.01 -48.68 -13.19
N GLY A 77 -25.37 -49.41 -12.28
CA GLY A 77 -23.92 -49.45 -12.32
C GLY A 77 -23.32 -48.19 -11.71
N VAL A 78 -22.03 -48.01 -11.97
CA VAL A 78 -21.24 -46.95 -11.34
C VAL A 78 -20.84 -45.93 -12.40
N TRP A 79 -21.27 -44.69 -12.24
CA TRP A 79 -20.81 -43.63 -13.13
C TRP A 79 -19.34 -43.33 -12.83
N ASN A 80 -18.49 -43.49 -13.83
CA ASN A 80 -17.08 -43.12 -13.71
C ASN A 80 -16.96 -41.60 -13.74
N ALA A 81 -16.68 -41.00 -12.60
CA ALA A 81 -16.61 -39.53 -12.46
C ALA A 81 -15.17 -39.08 -12.20
N SER A 82 -14.24 -39.67 -12.92
CA SER A 82 -12.84 -39.33 -12.78
C SER A 82 -12.38 -38.35 -13.84
N THR A 83 -13.25 -37.99 -14.78
CA THR A 83 -12.88 -37.22 -15.95
C THR A 83 -13.81 -36.03 -16.15
N TYR A 84 -13.25 -34.89 -16.55
CA TYR A 84 -14.06 -33.73 -16.88
C TYR A 84 -15.05 -34.07 -18.01
N PRO A 85 -16.22 -33.46 -18.01
CA PRO A 85 -17.18 -33.69 -19.10
C PRO A 85 -16.86 -32.86 -20.32
N ASN A 86 -17.66 -33.05 -21.37
CA ASN A 86 -17.67 -32.16 -22.52
C ASN A 86 -18.10 -30.76 -22.10
N ASN A 87 -17.71 -29.77 -22.92
CA ASN A 87 -18.21 -28.40 -22.77
C ASN A 87 -19.36 -28.17 -23.74
N CYS A 88 -20.25 -27.24 -23.39
CA CYS A 88 -21.39 -26.96 -24.26
C CYS A 88 -20.95 -26.29 -25.56
N GLN A 89 -21.81 -26.39 -26.58
CA GLN A 89 -21.50 -25.84 -27.89
C GLN A 89 -21.44 -24.32 -27.79
N GLN A 90 -20.37 -23.72 -28.29
CA GLN A 90 -20.23 -22.28 -28.15
C GLN A 90 -19.29 -21.72 -29.21
N TYR A 91 -19.42 -20.41 -29.44
CA TYR A 91 -18.47 -19.65 -30.23
C TYR A 91 -17.08 -19.72 -29.61
N VAL A 92 -16.09 -20.17 -30.39
CA VAL A 92 -14.71 -20.30 -29.94
C VAL A 92 -13.90 -19.11 -30.46
N ASP A 93 -13.21 -18.43 -29.56
CA ASP A 93 -12.43 -17.24 -29.89
C ASP A 93 -11.12 -17.63 -30.60
N GLU A 94 -10.88 -17.07 -31.78
CA GLU A 94 -9.65 -17.30 -32.53
CA GLU A 94 -9.59 -17.31 -32.44
C GLU A 94 -8.92 -16.00 -32.86
N GLN A 95 -9.18 -14.92 -32.12
CA GLN A 95 -8.52 -13.65 -32.39
C GLN A 95 -7.01 -13.76 -32.19
N PHE A 96 -6.57 -14.46 -31.14
CA PHE A 96 -5.16 -14.61 -30.82
C PHE A 96 -4.85 -16.09 -30.68
N PRO A 97 -4.77 -16.82 -31.80
CA PRO A 97 -4.58 -18.28 -31.73
C PRO A 97 -3.34 -18.64 -30.93
N GLY A 98 -3.51 -19.55 -29.97
CA GLY A 98 -2.42 -20.04 -29.15
C GLY A 98 -1.97 -19.11 -28.04
N PHE A 99 -2.50 -17.89 -27.95
CA PHE A 99 -2.14 -16.97 -26.88
C PHE A 99 -2.82 -17.40 -25.59
N SER A 100 -2.02 -17.62 -24.53
CA SER A 100 -2.57 -18.17 -23.29
C SER A 100 -3.65 -17.26 -22.70
N GLY A 101 -3.48 -15.95 -22.83
CA GLY A 101 -4.42 -15.01 -22.21
C GLY A 101 -5.84 -15.16 -22.73
N SER A 102 -6.00 -15.54 -23.99
CA SER A 102 -7.33 -15.75 -24.53
C SER A 102 -7.73 -17.23 -24.56
N GLU A 103 -6.78 -18.13 -24.84
CA GLU A 103 -7.11 -19.57 -24.87
C GLU A 103 -7.60 -20.07 -23.51
N MET A 104 -7.12 -19.48 -22.41
CA MET A 104 -7.56 -19.92 -21.10
C MET A 104 -9.06 -19.80 -20.89
N TRP A 105 -9.79 -19.10 -21.78
CA TRP A 105 -11.24 -18.99 -21.69
C TRP A 105 -11.98 -19.93 -22.65
N ASN A 106 -11.29 -20.47 -23.64
CA ASN A 106 -11.93 -21.31 -24.62
C ASN A 106 -12.19 -22.70 -24.05
N PRO A 107 -13.14 -23.44 -24.63
CA PRO A 107 -13.36 -24.81 -24.17
C PRO A 107 -12.07 -25.60 -24.29
N ASN A 108 -11.71 -26.29 -23.21
CA ASN A 108 -10.55 -27.17 -23.19
C ASN A 108 -10.93 -28.62 -23.30
N ARG A 109 -12.20 -28.88 -23.57
CA ARG A 109 -12.69 -30.24 -23.79
CA ARG A 109 -12.73 -30.23 -23.77
C ARG A 109 -13.50 -30.23 -25.08
N GLU A 110 -13.82 -31.42 -25.57
CA GLU A 110 -14.65 -31.50 -26.76
C GLU A 110 -16.00 -30.84 -26.48
N MET A 111 -16.52 -30.11 -27.47
CA MET A 111 -17.83 -29.48 -27.35
C MET A 111 -18.92 -30.45 -27.78
N SER A 112 -20.04 -30.40 -27.06
CA SER A 112 -21.17 -31.25 -27.38
C SER A 112 -22.42 -30.64 -26.76
N GLU A 113 -23.55 -30.84 -27.45
CA GLU A 113 -24.84 -30.50 -26.84
C GLU A 113 -25.13 -31.38 -25.62
N ASP A 114 -24.48 -32.54 -25.53
CA ASP A 114 -24.51 -33.41 -24.36
C ASP A 114 -23.50 -32.84 -23.36
N CYS A 115 -23.94 -31.83 -22.61
CA CYS A 115 -22.99 -31.09 -21.78
C CYS A 115 -23.50 -30.72 -20.39
N LEU A 116 -24.63 -31.27 -19.94
CA LEU A 116 -25.21 -30.85 -18.66
C LEU A 116 -24.67 -31.74 -17.56
N TYR A 117 -23.51 -31.33 -17.02
CA TYR A 117 -22.80 -32.07 -16.00
C TYR A 117 -22.28 -31.10 -14.95
N LEU A 118 -21.95 -31.65 -13.78
CA LEU A 118 -21.35 -30.84 -12.72
C LEU A 118 -20.19 -31.59 -12.12
N ASN A 119 -19.33 -30.85 -11.45
CA ASN A 119 -18.12 -31.37 -10.83
C ASN A 119 -18.13 -31.01 -9.35
N ILE A 120 -17.58 -31.90 -8.52
CA ILE A 120 -17.57 -31.71 -7.08
C ILE A 120 -16.17 -31.97 -6.55
N TRP A 121 -15.64 -31.05 -5.74
CA TRP A 121 -14.41 -31.28 -4.99
C TRP A 121 -14.74 -31.37 -3.52
N VAL A 122 -14.30 -32.45 -2.88
CA VAL A 122 -14.68 -32.79 -1.51
C VAL A 122 -13.41 -32.94 -0.69
N PRO A 123 -13.27 -32.25 0.43
CA PRO A 123 -12.10 -32.45 1.28
C PRO A 123 -11.97 -33.91 1.72
N SER A 124 -10.72 -34.31 1.95
CA SER A 124 -10.41 -35.65 2.42
C SER A 124 -9.67 -35.56 3.74
N PRO A 125 -10.22 -36.17 4.80
CA PRO A 125 -11.41 -37.05 4.80
C PRO A 125 -12.73 -36.32 4.61
N ARG A 126 -13.74 -37.04 4.14
CA ARG A 126 -15.03 -36.42 3.84
C ARG A 126 -15.56 -35.74 5.10
N PRO A 127 -15.91 -34.46 5.05
CA PRO A 127 -16.54 -33.82 6.19
C PRO A 127 -17.97 -34.33 6.34
N LYS A 128 -18.55 -34.04 7.49
CA LYS A 128 -19.87 -34.57 7.82
C LYS A 128 -20.97 -33.77 7.13
N SER A 129 -20.97 -32.45 7.32
CA SER A 129 -22.01 -31.59 6.81
C SER A 129 -21.48 -30.16 6.68
N THR A 130 -20.63 -29.91 5.70
CA THR A 130 -19.91 -28.66 5.59
C THR A 130 -20.53 -27.74 4.54
N THR A 131 -20.08 -26.50 4.55
CA THR A 131 -20.58 -25.47 3.66
C THR A 131 -20.31 -25.82 2.19
N VAL A 132 -21.31 -25.52 1.35
CA VAL A 132 -21.25 -25.80 -0.09
C VAL A 132 -21.17 -24.49 -0.86
N MET A 133 -20.26 -24.41 -1.83
CA MET A 133 -20.18 -23.28 -2.76
C MET A 133 -20.34 -23.81 -4.18
N VAL A 134 -21.27 -23.23 -4.93
CA VAL A 134 -21.58 -23.69 -6.28
C VAL A 134 -21.20 -22.56 -7.24
N TRP A 135 -20.20 -22.85 -8.09
CA TRP A 135 -19.68 -21.91 -9.09
C TRP A 135 -20.51 -21.93 -10.37
N ILE A 136 -20.93 -20.76 -10.82
CA ILE A 136 -21.65 -20.60 -12.09
C ILE A 136 -20.76 -19.79 -13.02
N TYR A 137 -20.23 -20.42 -14.06
CA TYR A 137 -19.30 -19.70 -14.92
C TYR A 137 -20.02 -18.58 -15.69
N GLY A 138 -19.22 -17.59 -16.07
CA GLY A 138 -19.68 -16.52 -16.93
C GLY A 138 -19.25 -16.76 -18.37
N GLY A 139 -19.37 -15.71 -19.16
CA GLY A 139 -19.14 -15.81 -20.59
C GLY A 139 -20.22 -15.15 -21.42
N GLY A 140 -20.91 -14.14 -20.87
CA GLY A 140 -21.87 -13.37 -21.64
C GLY A 140 -23.13 -14.13 -22.05
N PHE A 141 -23.37 -15.29 -21.43
CA PHE A 141 -24.42 -16.24 -21.80
C PHE A 141 -24.18 -16.87 -23.18
N TYR A 142 -23.05 -16.58 -23.81
CA TYR A 142 -22.75 -17.17 -25.11
C TYR A 142 -21.59 -18.15 -25.05
N SER A 143 -20.85 -18.19 -23.94
CA SER A 143 -19.67 -19.03 -23.82
C SER A 143 -19.47 -19.40 -22.36
N GLY A 144 -18.51 -20.27 -22.11
CA GLY A 144 -18.22 -20.67 -20.74
C GLY A 144 -18.13 -22.17 -20.63
N SER A 145 -17.24 -22.63 -19.75
CA SER A 145 -17.07 -24.05 -19.48
C SER A 145 -16.78 -24.20 -17.99
N SER A 146 -17.28 -25.28 -17.40
CA SER A 146 -16.97 -25.56 -16.00
C SER A 146 -15.55 -26.06 -15.81
N THR A 147 -14.85 -26.38 -16.89
CA THR A 147 -13.63 -27.18 -16.83
C THR A 147 -12.36 -26.37 -17.02
N LEU A 148 -12.47 -25.06 -17.20
CA LEU A 148 -11.31 -24.21 -17.36
C LEU A 148 -10.32 -24.40 -16.21
N ASP A 149 -9.03 -24.25 -16.51
CA ASP A 149 -8.00 -24.36 -15.48
C ASP A 149 -8.21 -23.35 -14.35
N VAL A 150 -8.73 -22.16 -14.66
CA VAL A 150 -8.95 -21.16 -13.61
C VAL A 150 -10.14 -21.44 -12.72
N TYR A 151 -10.99 -22.43 -13.08
CA TYR A 151 -12.12 -22.81 -12.24
C TYR A 151 -11.86 -24.12 -11.49
N ASN A 152 -10.63 -24.61 -11.49
CA ASN A 152 -10.31 -25.83 -10.75
C ASN A 152 -10.63 -25.62 -9.27
N GLY A 153 -11.58 -26.38 -8.76
CA GLY A 153 -12.05 -26.15 -7.40
C GLY A 153 -11.16 -26.68 -6.31
N LYS A 154 -10.04 -27.34 -6.64
CA LYS A 154 -9.36 -28.13 -5.62
C LYS A 154 -8.62 -27.26 -4.60
N TYR A 155 -8.12 -26.09 -5.00
CA TYR A 155 -7.42 -25.23 -4.04
C TYR A 155 -8.38 -24.63 -3.04
N LEU A 156 -9.57 -24.22 -3.48
CA LEU A 156 -10.55 -23.64 -2.58
C LEU A 156 -11.15 -24.70 -1.65
N ALA A 157 -11.45 -25.88 -2.19
CA ALA A 157 -12.02 -26.94 -1.36
C ALA A 157 -11.03 -27.38 -0.28
N TYR A 158 -9.76 -27.56 -0.66
CA TYR A 158 -8.76 -28.01 0.29
C TYR A 158 -8.44 -26.94 1.33
N THR A 159 -8.26 -25.69 0.89
CA THR A 159 -7.76 -24.65 1.79
C THR A 159 -8.83 -24.21 2.78
N GLU A 160 -10.07 -24.10 2.33
CA GLU A 160 -11.14 -23.57 3.14
C GLU A 160 -12.09 -24.65 3.63
N GLU A 161 -11.85 -25.91 3.27
CA GLU A 161 -12.64 -27.03 3.79
CA GLU A 161 -12.63 -27.05 3.74
C GLU A 161 -14.13 -26.84 3.45
N VAL A 162 -14.40 -26.57 2.17
CA VAL A 162 -15.77 -26.48 1.68
C VAL A 162 -15.91 -27.56 0.61
N VAL A 163 -17.16 -27.93 0.34
CA VAL A 163 -17.50 -28.75 -0.82
C VAL A 163 -17.74 -27.80 -1.99
N LEU A 164 -16.87 -27.88 -3.00
CA LEU A 164 -16.91 -26.96 -4.14
C LEU A 164 -17.55 -27.68 -5.32
N VAL A 165 -18.67 -27.17 -5.80
CA VAL A 165 -19.36 -27.67 -6.98
C VAL A 165 -19.19 -26.65 -8.09
N SER A 166 -19.02 -27.13 -9.32
CA SER A 166 -19.16 -26.27 -10.48
C SER A 166 -20.20 -26.90 -11.41
N LEU A 167 -21.21 -26.12 -11.78
CA LEU A 167 -22.28 -26.61 -12.64
C LEU A 167 -21.97 -26.18 -14.08
N SER A 168 -22.84 -26.57 -15.00
CA SER A 168 -22.78 -26.08 -16.36
C SER A 168 -24.19 -25.76 -16.80
N TYR A 169 -24.30 -25.06 -17.93
CA TYR A 169 -25.60 -24.69 -18.47
C TYR A 169 -25.42 -24.35 -19.94
N ARG A 170 -26.47 -24.62 -20.73
CA ARG A 170 -26.48 -24.30 -22.15
C ARG A 170 -26.30 -22.80 -22.38
N VAL A 171 -25.43 -22.45 -23.34
CA VAL A 171 -25.13 -21.07 -23.66
C VAL A 171 -25.57 -20.78 -25.10
N GLY A 172 -25.58 -19.50 -25.46
CA GLY A 172 -25.96 -19.11 -26.81
C GLY A 172 -27.39 -19.50 -27.14
N ALA A 173 -27.65 -19.72 -28.43
CA ALA A 173 -28.99 -20.06 -28.87
C ALA A 173 -29.52 -21.32 -28.21
N PHE A 174 -28.63 -22.28 -27.92
CA PHE A 174 -29.07 -23.52 -27.31
C PHE A 174 -29.64 -23.29 -25.91
N GLY A 175 -29.19 -22.24 -25.23
CA GLY A 175 -29.67 -22.01 -23.89
C GLY A 175 -30.67 -20.88 -23.79
N PHE A 176 -30.71 -20.00 -24.77
CA PHE A 176 -31.50 -18.79 -24.60
C PHE A 176 -32.25 -18.34 -25.84
N LEU A 177 -32.38 -19.18 -26.87
CA LEU A 177 -33.37 -18.92 -27.91
C LEU A 177 -34.74 -18.78 -27.27
N ALA A 178 -35.43 -17.68 -27.57
CA ALA A 178 -36.69 -17.38 -26.88
C ALA A 178 -37.78 -16.99 -27.87
N LEU A 179 -38.75 -17.87 -28.06
CA LEU A 179 -39.95 -17.58 -28.83
C LEU A 179 -41.11 -17.67 -27.85
N HIS A 180 -41.40 -16.56 -27.17
CA HIS A 180 -42.37 -16.56 -26.08
C HIS A 180 -43.74 -17.01 -26.58
N GLY A 181 -44.40 -17.84 -25.78
CA GLY A 181 -45.62 -18.51 -26.14
C GLY A 181 -45.39 -19.95 -26.58
N SER A 182 -44.20 -20.24 -27.10
CA SER A 182 -43.84 -21.59 -27.44
C SER A 182 -43.38 -22.36 -26.21
N GLN A 183 -43.82 -23.61 -26.10
CA GLN A 183 -43.30 -24.50 -25.08
C GLN A 183 -42.10 -25.29 -25.55
N GLU A 184 -41.77 -25.21 -26.83
CA GLU A 184 -40.63 -25.93 -27.39
C GLU A 184 -39.35 -25.10 -27.32
N ALA A 185 -39.47 -23.78 -27.37
CA ALA A 185 -38.33 -22.87 -27.20
C ALA A 185 -38.79 -21.67 -26.39
N PRO A 186 -39.10 -21.89 -25.10
CA PRO A 186 -39.67 -20.80 -24.29
C PRO A 186 -38.67 -19.70 -23.95
N GLY A 187 -37.38 -20.00 -23.93
CA GLY A 187 -36.40 -19.08 -23.41
C GLY A 187 -35.99 -19.43 -21.99
N ASN A 188 -34.83 -18.90 -21.58
CA ASN A 188 -34.32 -19.05 -20.23
C ASN A 188 -33.94 -20.48 -19.87
N VAL A 189 -33.82 -21.39 -20.84
CA VAL A 189 -33.59 -22.77 -20.45
C VAL A 189 -32.19 -22.96 -19.89
N GLY A 190 -31.24 -22.10 -20.26
CA GLY A 190 -29.94 -22.16 -19.60
C GLY A 190 -30.03 -21.81 -18.14
N LEU A 191 -30.92 -20.89 -17.79
CA LEU A 191 -31.18 -20.62 -16.38
C LEU A 191 -31.85 -21.81 -15.70
N LEU A 192 -32.72 -22.51 -16.43
CA LEU A 192 -33.33 -23.73 -15.88
C LEU A 192 -32.29 -24.84 -15.72
N ASP A 193 -31.32 -24.94 -16.64
CA ASP A 193 -30.22 -25.87 -16.43
C ASP A 193 -29.51 -25.61 -15.12
N GLN A 194 -29.15 -24.35 -14.86
CA GLN A 194 -28.53 -23.99 -13.58
C GLN A 194 -29.42 -24.39 -12.42
N ARG A 195 -30.72 -24.10 -12.53
CA ARG A 195 -31.65 -24.44 -11.46
C ARG A 195 -31.72 -25.94 -11.23
N MET A 196 -31.70 -26.74 -12.30
CA MET A 196 -31.78 -28.19 -12.12
C MET A 196 -30.52 -28.72 -11.45
N ALA A 197 -29.36 -28.11 -11.72
CA ALA A 197 -28.14 -28.49 -11.03
C ALA A 197 -28.18 -28.06 -9.57
N LEU A 198 -28.78 -26.90 -9.28
CA LEU A 198 -28.99 -26.52 -7.89
C LEU A 198 -29.95 -27.48 -7.20
N GLN A 199 -31.02 -27.87 -7.89
CA GLN A 199 -31.92 -28.89 -7.35
C GLN A 199 -31.17 -30.18 -7.06
N TRP A 200 -30.27 -30.59 -7.98
CA TRP A 200 -29.49 -31.80 -7.76
C TRP A 200 -28.59 -31.68 -6.53
N VAL A 201 -28.01 -30.50 -6.33
CA VAL A 201 -27.19 -30.28 -5.14
C VAL A 201 -28.04 -30.36 -3.88
N HIS A 202 -29.24 -29.78 -3.92
CA HIS A 202 -30.15 -29.82 -2.78
C HIS A 202 -30.50 -31.25 -2.40
N ASP A 203 -30.71 -32.12 -3.39
CA ASP A 203 -31.11 -33.51 -3.16
C ASP A 203 -29.95 -34.43 -2.84
N ASN A 204 -28.74 -34.10 -3.27
CA ASN A 204 -27.66 -35.08 -3.25
C ASN A 204 -26.39 -34.65 -2.55
N ILE A 205 -26.19 -33.35 -2.29
CA ILE A 205 -24.87 -32.96 -1.80
C ILE A 205 -24.61 -33.52 -0.41
N GLN A 206 -25.65 -33.84 0.35
CA GLN A 206 -25.44 -34.45 1.66
C GLN A 206 -24.64 -35.74 1.56
N PHE A 207 -24.77 -36.47 0.44
CA PHE A 207 -24.06 -37.75 0.30
C PHE A 207 -22.57 -37.56 0.06
N PHE A 208 -22.15 -36.32 -0.23
CA PHE A 208 -20.76 -35.95 -0.41
C PHE A 208 -20.21 -35.17 0.78
N GLY A 209 -20.96 -35.10 1.88
CA GLY A 209 -20.51 -34.37 3.04
C GLY A 209 -20.80 -32.88 3.01
N GLY A 210 -21.74 -32.44 2.18
CA GLY A 210 -22.13 -31.05 2.10
C GLY A 210 -23.48 -30.83 2.76
N ASP A 211 -23.65 -29.65 3.34
CA ASP A 211 -24.90 -29.27 3.98
C ASP A 211 -25.81 -28.58 2.96
N PRO A 212 -26.89 -29.22 2.52
CA PRO A 212 -27.81 -28.55 1.58
C PRO A 212 -28.48 -27.31 2.15
N LYS A 213 -28.43 -27.09 3.46
CA LYS A 213 -28.98 -25.86 4.01
C LYS A 213 -27.99 -24.69 3.98
N THR A 214 -26.73 -24.92 3.60
CA THR A 214 -25.73 -23.86 3.58
C THR A 214 -25.03 -23.85 2.23
N VAL A 215 -25.80 -23.62 1.17
CA VAL A 215 -25.26 -23.57 -0.18
C VAL A 215 -25.13 -22.10 -0.58
N THR A 216 -23.92 -21.69 -0.93
CA THR A 216 -23.66 -20.38 -1.53
C THR A 216 -23.45 -20.57 -3.03
N ILE A 217 -24.22 -19.86 -3.84
CA ILE A 217 -23.97 -19.81 -5.28
C ILE A 217 -23.11 -18.59 -5.58
N PHE A 218 -22.06 -18.78 -6.37
CA PHE A 218 -21.26 -17.64 -6.80
C PHE A 218 -20.93 -17.77 -8.28
N GLY A 219 -20.72 -16.62 -8.92
CA GLY A 219 -20.37 -16.63 -10.33
C GLY A 219 -19.87 -15.26 -10.74
N GLU A 220 -19.20 -15.24 -11.89
CA GLU A 220 -18.64 -14.02 -12.44
C GLU A 220 -19.29 -13.73 -13.78
N SER A 221 -19.38 -12.43 -14.13
CA SER A 221 -19.90 -11.99 -15.42
C SER A 221 -21.32 -12.51 -15.58
N ALA A 222 -21.64 -13.25 -16.64
CA ALA A 222 -22.98 -13.84 -16.78
C ALA A 222 -23.32 -14.76 -15.61
N GLY A 223 -22.31 -15.39 -15.01
CA GLY A 223 -22.55 -16.15 -13.79
C GLY A 223 -22.97 -15.27 -12.62
N GLY A 224 -22.41 -14.06 -12.53
CA GLY A 224 -22.87 -13.13 -11.52
C GLY A 224 -24.27 -12.62 -11.78
N ALA A 225 -24.58 -12.28 -13.03
CA ALA A 225 -25.95 -11.96 -13.40
C ALA A 225 -26.89 -13.10 -13.05
N SER A 226 -26.50 -14.33 -13.39
CA SER A 226 -27.32 -15.51 -13.12
C SER A 226 -27.60 -15.65 -11.64
N VAL A 227 -26.58 -15.47 -10.80
CA VAL A 227 -26.76 -15.55 -9.35
C VAL A 227 -27.85 -14.59 -8.91
N GLY A 228 -27.79 -13.35 -9.40
CA GLY A 228 -28.81 -12.38 -9.05
C GLY A 228 -30.17 -12.73 -9.62
N MET A 229 -30.18 -13.41 -10.76
CA MET A 229 -31.44 -13.82 -11.37
C MET A 229 -32.12 -14.91 -10.53
N HIS A 230 -31.32 -15.80 -9.93
CA HIS A 230 -31.90 -16.81 -9.03
C HIS A 230 -32.35 -16.18 -7.73
N ILE A 231 -31.64 -15.15 -7.25
CA ILE A 231 -32.14 -14.36 -6.14
C ILE A 231 -33.52 -13.83 -6.45
N LEU A 232 -33.73 -13.38 -7.69
CA LEU A 232 -35.00 -12.75 -8.05
C LEU A 232 -36.09 -13.79 -8.30
N SER A 233 -35.76 -14.92 -8.89
CA SER A 233 -36.79 -15.80 -9.42
C SER A 233 -37.36 -16.69 -8.33
N PRO A 234 -38.68 -16.68 -8.12
CA PRO A 234 -39.26 -17.47 -7.01
C PRO A 234 -38.93 -18.95 -7.11
N GLY A 235 -38.90 -19.51 -8.32
CA GLY A 235 -38.60 -20.93 -8.48
C GLY A 235 -37.18 -21.32 -8.15
N SER A 236 -36.30 -20.34 -7.92
CA SER A 236 -34.92 -20.63 -7.56
C SER A 236 -34.60 -20.40 -6.10
N ARG A 237 -35.37 -19.55 -5.41
CA ARG A 237 -34.92 -18.97 -4.15
C ARG A 237 -34.64 -20.00 -3.07
N ASP A 238 -35.41 -21.09 -3.04
CA ASP A 238 -35.22 -22.07 -1.97
C ASP A 238 -34.09 -23.07 -2.24
N LEU A 239 -33.33 -22.91 -3.32
CA LEU A 239 -32.28 -23.87 -3.67
C LEU A 239 -30.88 -23.40 -3.29
N PHE A 240 -30.75 -22.33 -2.49
CA PHE A 240 -29.44 -21.88 -2.01
C PHE A 240 -29.68 -20.99 -0.80
N ARG A 241 -28.61 -20.78 -0.03
CA ARG A 241 -28.67 -20.00 1.21
C ARG A 241 -28.25 -18.55 1.02
N ARG A 242 -27.18 -18.29 0.27
CA ARG A 242 -26.69 -16.93 0.08
C ARG A 242 -25.90 -16.88 -1.23
N ALA A 243 -25.44 -15.68 -1.59
CA ALA A 243 -24.99 -15.44 -2.97
C ALA A 243 -23.79 -14.50 -3.04
N ILE A 244 -22.90 -14.78 -3.98
CA ILE A 244 -21.76 -13.94 -4.32
C ILE A 244 -21.83 -13.59 -5.80
N LEU A 245 -21.72 -12.31 -6.12
CA LEU A 245 -21.80 -11.84 -7.50
C LEU A 245 -20.50 -11.11 -7.85
N GLN A 246 -19.78 -11.61 -8.86
CA GLN A 246 -18.53 -10.99 -9.29
C GLN A 246 -18.72 -10.36 -10.67
N SER A 247 -18.56 -9.03 -10.75
CA SER A 247 -18.55 -8.34 -12.04
C SER A 247 -19.78 -8.71 -12.88
N GLY A 248 -20.94 -8.75 -12.23
CA GLY A 248 -22.15 -9.04 -12.96
C GLY A 248 -23.34 -8.90 -12.05
N SER A 249 -24.49 -8.51 -12.59
CA SER A 249 -25.69 -8.37 -11.80
C SER A 249 -26.87 -8.52 -12.75
N PRO A 250 -28.06 -8.86 -12.24
CA PRO A 250 -29.14 -9.30 -13.14
C PRO A 250 -29.69 -8.19 -14.01
N ASN A 251 -29.54 -6.93 -13.59
CA ASN A 251 -30.04 -5.76 -14.30
C ASN A 251 -29.04 -5.20 -15.30
N CYS A 252 -27.91 -5.86 -15.54
CA CYS A 252 -26.94 -5.34 -16.51
C CYS A 252 -27.60 -5.21 -17.88
N PRO A 253 -27.21 -4.20 -18.67
CA PRO A 253 -27.90 -3.97 -19.95
C PRO A 253 -27.68 -5.09 -20.94
N TRP A 254 -26.62 -5.89 -20.79
CA TRP A 254 -26.35 -7.01 -21.68
C TRP A 254 -26.97 -8.31 -21.22
N ALA A 255 -27.57 -8.34 -20.03
CA ALA A 255 -27.90 -9.60 -19.38
C ALA A 255 -29.32 -10.08 -19.63
N SER A 256 -30.20 -9.26 -20.21
CA SER A 256 -31.53 -9.74 -20.55
C SER A 256 -32.07 -8.95 -21.74
N VAL A 257 -33.09 -9.51 -22.37
CA VAL A 257 -33.85 -8.85 -23.43
C VAL A 257 -35.33 -9.05 -23.17
N SER A 258 -36.14 -8.21 -23.82
CA SER A 258 -37.59 -8.37 -23.77
C SER A 258 -38.02 -9.56 -24.62
N VAL A 259 -39.27 -10.00 -24.40
CA VAL A 259 -39.77 -11.11 -25.19
C VAL A 259 -39.90 -10.72 -26.66
N ALA A 260 -40.17 -9.44 -26.95
CA ALA A 260 -40.23 -9.02 -28.34
C ALA A 260 -38.86 -9.05 -29.00
N GLU A 261 -37.82 -8.58 -28.30
CA GLU A 261 -36.48 -8.60 -28.89
C GLU A 261 -35.94 -10.02 -28.97
N GLY A 262 -36.24 -10.86 -27.99
CA GLY A 262 -35.84 -12.26 -28.09
C GLY A 262 -36.48 -12.96 -29.27
N ARG A 263 -37.76 -12.67 -29.52
CA ARG A 263 -38.43 -13.23 -30.69
C ARG A 263 -37.79 -12.72 -31.98
N ARG A 264 -37.51 -11.41 -32.05
CA ARG A 264 -36.89 -10.85 -33.25
C ARG A 264 -35.55 -11.51 -33.53
N ARG A 265 -34.72 -11.69 -32.51
CA ARG A 265 -33.42 -12.31 -32.74
C ARG A 265 -33.56 -13.77 -33.14
N ALA A 266 -34.55 -14.47 -32.58
CA ALA A 266 -34.79 -15.85 -32.98
C ALA A 266 -35.21 -15.93 -34.44
N VAL A 267 -36.15 -15.07 -34.85
CA VAL A 267 -36.58 -15.05 -36.24
C VAL A 267 -35.41 -14.69 -37.14
N GLU A 268 -34.59 -13.73 -36.73
CA GLU A 268 -33.43 -13.36 -37.54
C GLU A 268 -32.41 -14.49 -37.62
N LEU A 269 -32.37 -15.36 -36.60
CA LEU A 269 -31.50 -16.51 -36.68
C LEU A 269 -31.95 -17.46 -37.78
N GLY A 270 -33.27 -17.70 -37.87
CA GLY A 270 -33.77 -18.54 -38.94
C GLY A 270 -33.60 -17.90 -40.30
N ARG A 271 -33.74 -16.58 -40.38
CA ARG A 271 -33.56 -15.89 -41.66
C ARG A 271 -32.12 -16.02 -42.14
N ASN A 272 -31.16 -15.96 -41.22
CA ASN A 272 -29.76 -16.20 -41.57
C ASN A 272 -29.49 -17.64 -42.00
N LEU A 273 -30.43 -18.56 -41.79
CA LEU A 273 -30.20 -19.96 -42.11
C LEU A 273 -31.24 -20.49 -43.11
N ASN A 274 -31.97 -19.60 -43.79
CA ASN A 274 -32.94 -19.97 -44.82
C ASN A 274 -34.04 -20.85 -44.26
N CYS A 275 -34.54 -20.48 -43.09
CA CYS A 275 -35.59 -21.24 -42.42
C CYS A 275 -36.97 -20.74 -42.83
N ASN A 276 -37.94 -21.64 -42.71
CA ASN A 276 -39.35 -21.26 -42.73
C ASN A 276 -39.65 -20.40 -41.52
N LEU A 277 -40.18 -19.19 -41.75
CA LEU A 277 -40.41 -18.24 -40.66
C LEU A 277 -41.90 -18.00 -40.41
N ASN A 278 -42.76 -18.87 -40.92
CA ASN A 278 -44.20 -18.60 -40.87
C ASN A 278 -44.83 -19.04 -39.57
N SER A 279 -44.12 -19.79 -38.74
CA SER A 279 -44.67 -20.18 -37.44
C SER A 279 -43.50 -20.54 -36.53
N ASP A 280 -43.78 -20.51 -35.22
CA ASP A 280 -42.78 -20.94 -34.24
C ASP A 280 -42.40 -22.40 -34.48
N GLU A 281 -43.38 -23.28 -34.65
CA GLU A 281 -43.09 -24.71 -34.80
C GLU A 281 -42.24 -24.98 -36.04
N GLU A 282 -42.49 -24.26 -37.13
CA GLU A 282 -41.70 -24.44 -38.35
C GLU A 282 -40.31 -23.87 -38.20
N LEU A 283 -40.20 -22.67 -37.62
CA LEU A 283 -38.89 -22.10 -37.34
C LEU A 283 -38.08 -23.01 -36.42
N ILE A 284 -38.69 -23.42 -35.31
CA ILE A 284 -38.01 -24.30 -34.36
C ILE A 284 -37.60 -25.60 -35.04
N HIS A 285 -38.49 -26.18 -35.84
CA HIS A 285 -38.17 -27.45 -36.50
C HIS A 285 -36.97 -27.29 -37.42
N CYS A 286 -36.93 -26.18 -38.18
CA CYS A 286 -35.78 -25.90 -39.04
C CYS A 286 -34.50 -25.76 -38.23
N LEU A 287 -34.55 -24.96 -37.15
CA LEU A 287 -33.34 -24.73 -36.36
C LEU A 287 -32.88 -26.01 -35.66
N ARG A 288 -33.80 -26.93 -35.35
CA ARG A 288 -33.42 -28.17 -34.69
C ARG A 288 -32.72 -29.15 -35.63
N GLU A 289 -32.87 -28.97 -36.94
CA GLU A 289 -32.20 -29.84 -37.90
C GLU A 289 -30.81 -29.35 -38.27
N LYS A 290 -30.42 -28.15 -37.85
CA LYS A 290 -29.10 -27.65 -38.15
C LYS A 290 -28.06 -28.26 -37.22
N LYS A 291 -26.84 -28.42 -37.74
CA LYS A 291 -25.71 -28.78 -36.90
CA LYS A 291 -25.75 -28.80 -36.87
C LYS A 291 -25.39 -27.64 -35.93
N PRO A 292 -24.92 -27.96 -34.72
CA PRO A 292 -24.63 -26.89 -33.74
C PRO A 292 -23.80 -25.75 -34.31
N GLN A 293 -22.74 -26.06 -35.07
CA GLN A 293 -21.85 -25.00 -35.55
C GLN A 293 -22.50 -24.12 -36.60
N GLU A 294 -23.55 -24.61 -37.28
CA GLU A 294 -24.28 -23.76 -38.21
C GLU A 294 -24.98 -22.62 -37.48
N LEU A 295 -25.57 -22.91 -36.32
CA LEU A 295 -26.16 -21.88 -35.49
C LEU A 295 -25.10 -20.91 -34.99
N ILE A 296 -24.00 -21.47 -34.47
CA ILE A 296 -22.96 -20.64 -33.88
C ILE A 296 -22.37 -19.69 -34.91
N ASP A 297 -22.19 -20.17 -36.15
CA ASP A 297 -21.51 -19.39 -37.18
C ASP A 297 -22.24 -18.10 -37.52
N VAL A 298 -23.54 -18.02 -37.29
CA VAL A 298 -24.31 -16.80 -37.58
C VAL A 298 -24.79 -16.12 -36.31
N GLU A 299 -24.37 -16.61 -35.13
CA GLU A 299 -24.89 -16.15 -33.84
C GLU A 299 -24.81 -14.63 -33.71
N TRP A 300 -23.66 -14.07 -34.03
CA TRP A 300 -23.46 -12.63 -33.84
C TRP A 300 -24.24 -11.79 -34.84
N ASN A 301 -24.78 -12.38 -35.90
CA ASN A 301 -25.45 -11.59 -36.92
C ASN A 301 -26.81 -11.07 -36.48
N VAL A 302 -27.38 -11.62 -35.40
CA VAL A 302 -28.73 -11.21 -34.99
C VAL A 302 -28.73 -10.02 -34.06
N LEU A 303 -27.57 -9.47 -33.70
CA LEU A 303 -27.57 -8.30 -32.83
C LEU A 303 -28.19 -7.11 -33.57
N PRO A 304 -28.89 -6.22 -32.85
CA PRO A 304 -29.54 -5.10 -33.54
C PRO A 304 -28.57 -4.02 -34.00
N PHE A 305 -27.45 -3.83 -33.31
CA PHE A 305 -26.54 -2.75 -33.64
C PHE A 305 -25.12 -3.26 -33.66
N ASP A 306 -24.25 -2.51 -34.34
CA ASP A 306 -22.83 -2.68 -34.08
C ASP A 306 -22.57 -2.28 -32.65
N SER A 307 -21.95 -3.17 -31.87
CA SER A 307 -21.84 -2.91 -30.45
C SER A 307 -20.67 -3.69 -29.89
N ILE A 308 -20.28 -3.31 -28.68
CA ILE A 308 -19.42 -4.15 -27.86
C ILE A 308 -20.17 -4.41 -26.56
N PHE A 309 -19.81 -5.50 -25.90
CA PHE A 309 -20.44 -5.90 -24.63
C PHE A 309 -21.95 -6.08 -24.82
N ARG A 310 -22.34 -6.68 -25.95
CA ARG A 310 -23.70 -7.14 -26.19
C ARG A 310 -23.63 -8.55 -26.75
N PHE A 311 -24.56 -9.40 -26.32
CA PHE A 311 -24.57 -10.81 -26.69
C PHE A 311 -25.95 -11.17 -27.21
N SER A 312 -25.97 -12.12 -28.16
CA SER A 312 -27.17 -12.40 -28.95
C SER A 312 -28.28 -13.06 -28.13
N PHE A 313 -27.98 -14.17 -27.45
CA PHE A 313 -29.01 -14.98 -26.81
C PHE A 313 -28.80 -14.98 -25.29
N VAL A 314 -29.68 -14.26 -24.60
CA VAL A 314 -29.54 -13.97 -23.18
C VAL A 314 -30.91 -14.24 -22.53
N PRO A 315 -31.00 -14.27 -21.20
CA PRO A 315 -32.30 -14.47 -20.55
C PRO A 315 -33.35 -13.47 -21.05
N VAL A 316 -34.61 -13.93 -21.07
CA VAL A 316 -35.75 -13.09 -21.46
C VAL A 316 -36.57 -12.75 -20.23
N ILE A 317 -37.12 -11.54 -20.19
CA ILE A 317 -38.08 -11.15 -19.15
C ILE A 317 -39.45 -11.66 -19.57
N ASP A 318 -39.80 -12.86 -19.08
CA ASP A 318 -40.82 -13.69 -19.68
C ASP A 318 -42.13 -13.77 -18.89
N GLY A 319 -42.20 -13.20 -17.70
CA GLY A 319 -43.37 -13.40 -16.88
C GLY A 319 -43.47 -14.75 -16.20
N GLU A 320 -42.43 -15.58 -16.29
CA GLU A 320 -42.46 -16.90 -15.65
C GLU A 320 -41.23 -17.12 -14.77
N PHE A 321 -40.05 -17.24 -15.37
CA PHE A 321 -38.83 -17.23 -14.55
C PHE A 321 -38.70 -15.91 -13.80
N PHE A 322 -39.05 -14.80 -14.45
CA PHE A 322 -39.14 -13.48 -13.83
C PHE A 322 -40.59 -13.03 -13.88
N PRO A 323 -41.33 -13.05 -12.77
CA PRO A 323 -42.76 -12.71 -12.84
C PRO A 323 -43.05 -11.30 -13.35
N THR A 324 -42.23 -10.32 -13.00
CA THR A 324 -42.41 -8.96 -13.52
C THR A 324 -41.04 -8.43 -13.91
N SER A 325 -41.00 -7.17 -14.33
CA SER A 325 -39.74 -6.54 -14.69
C SER A 325 -38.75 -6.60 -13.52
N LEU A 326 -37.46 -6.68 -13.87
CA LEU A 326 -36.45 -6.71 -12.82
C LEU A 326 -36.54 -5.47 -11.94
N GLU A 327 -36.79 -4.31 -12.55
CA GLU A 327 -36.82 -3.08 -11.77
C GLU A 327 -37.99 -3.06 -10.79
N SER A 328 -39.16 -3.53 -11.21
CA SER A 328 -40.28 -3.55 -10.28
C SER A 328 -40.10 -4.60 -9.19
N MET A 329 -39.47 -5.74 -9.52
CA MET A 329 -39.18 -6.72 -8.47
C MET A 329 -38.19 -6.15 -7.46
N LEU A 330 -37.18 -5.43 -7.94
CA LEU A 330 -36.20 -4.83 -7.04
C LEU A 330 -36.86 -3.75 -6.18
N ASN A 331 -37.75 -2.96 -6.78
CA ASN A 331 -38.43 -1.91 -6.02
C ASN A 331 -39.33 -2.49 -4.95
N SER A 332 -40.05 -3.57 -5.24
CA SER A 332 -41.02 -4.11 -4.29
C SER A 332 -40.39 -5.01 -3.23
N GLY A 333 -39.12 -5.37 -3.35
CA GLY A 333 -38.57 -6.36 -2.45
C GLY A 333 -38.94 -7.78 -2.79
N ASN A 334 -39.42 -8.03 -4.01
CA ASN A 334 -39.84 -9.35 -4.45
C ASN A 334 -38.59 -10.13 -4.90
N PHE A 335 -37.82 -10.56 -3.92
CA PHE A 335 -36.61 -11.34 -4.16
C PHE A 335 -36.23 -12.01 -2.86
N LYS A 336 -35.29 -12.94 -2.93
CA LYS A 336 -34.81 -13.64 -1.76
C LYS A 336 -34.06 -12.69 -0.83
N LYS A 337 -34.43 -12.71 0.45
CA LYS A 337 -33.83 -11.85 1.45
C LYS A 337 -32.78 -12.65 2.22
N THR A 338 -31.52 -12.35 1.94
CA THR A 338 -30.42 -13.08 2.57
C THR A 338 -29.22 -12.15 2.59
N GLN A 339 -28.03 -12.73 2.72
CA GLN A 339 -26.79 -11.99 2.67
C GLN A 339 -26.18 -12.10 1.28
N ILE A 340 -25.59 -11.01 0.80
CA ILE A 340 -24.88 -11.05 -0.46
C ILE A 340 -23.50 -10.43 -0.29
N LEU A 341 -22.55 -10.95 -1.06
CA LEU A 341 -21.22 -10.35 -1.19
C LEU A 341 -20.96 -10.17 -2.67
N LEU A 342 -20.54 -8.99 -3.08
CA LEU A 342 -20.43 -8.70 -4.50
C LEU A 342 -19.43 -7.57 -4.73
N GLY A 343 -19.06 -7.39 -5.99
CA GLY A 343 -18.03 -6.41 -6.31
C GLY A 343 -17.67 -6.44 -7.78
N VAL A 344 -16.70 -5.59 -8.13
CA VAL A 344 -16.32 -5.30 -9.50
C VAL A 344 -14.80 -5.13 -9.55
N ASN A 345 -14.26 -5.15 -10.78
CA ASN A 345 -12.85 -4.92 -11.04
C ASN A 345 -12.66 -3.50 -11.58
N LYS A 346 -11.43 -2.99 -11.46
CA LYS A 346 -11.19 -1.58 -11.79
CA LYS A 346 -11.18 -1.59 -11.79
C LYS A 346 -11.40 -1.30 -13.27
N ASP A 347 -11.06 -2.24 -14.15
CA ASP A 347 -11.07 -1.98 -15.59
C ASP A 347 -11.90 -3.03 -16.34
N GLU A 348 -13.19 -3.11 -15.99
CA GLU A 348 -14.08 -4.10 -16.60
C GLU A 348 -14.15 -3.95 -18.11
N GLY A 349 -14.02 -2.72 -18.63
CA GLY A 349 -14.28 -2.53 -20.04
C GLY A 349 -13.15 -2.88 -21.00
N SER A 350 -11.92 -3.07 -20.53
CA SER A 350 -10.78 -3.03 -21.47
C SER A 350 -10.81 -4.20 -22.46
N PHE A 351 -11.16 -5.39 -22.00
CA PHE A 351 -11.14 -6.55 -22.90
C PHE A 351 -12.12 -6.36 -24.05
N PHE A 352 -13.27 -5.73 -23.80
CA PHE A 352 -14.25 -5.52 -24.87
C PHE A 352 -13.78 -4.46 -25.87
N LEU A 353 -13.04 -3.47 -25.40
CA LEU A 353 -12.46 -2.49 -26.31
C LEU A 353 -11.40 -3.13 -27.18
N LEU A 354 -10.53 -3.93 -26.56
CA LEU A 354 -9.49 -4.64 -27.31
C LEU A 354 -10.09 -5.43 -28.48
N TYR A 355 -11.18 -6.15 -28.22
CA TYR A 355 -11.75 -7.04 -29.22
C TYR A 355 -12.69 -6.34 -30.18
N GLY A 356 -13.27 -5.20 -29.81
CA GLY A 356 -14.30 -4.65 -30.67
C GLY A 356 -14.25 -3.17 -31.04
N ALA A 357 -13.24 -2.41 -30.60
CA ALA A 357 -13.28 -0.97 -30.86
C ALA A 357 -12.02 -0.49 -31.58
N PRO A 358 -12.14 0.52 -32.44
CA PRO A 358 -10.97 0.95 -33.22
C PRO A 358 -9.89 1.61 -32.37
N GLY A 359 -8.63 1.32 -32.72
CA GLY A 359 -7.48 1.93 -32.08
C GLY A 359 -6.88 1.14 -30.94
N PHE A 360 -7.53 0.06 -30.53
CA PHE A 360 -7.04 -0.77 -29.44
C PHE A 360 -6.25 -1.95 -29.99
N SER A 361 -5.16 -2.28 -29.32
CA SER A 361 -4.34 -3.41 -29.72
CA SER A 361 -4.31 -3.39 -29.73
C SER A 361 -3.69 -4.00 -28.49
N LYS A 362 -3.49 -5.32 -28.54
CA LYS A 362 -2.82 -6.07 -27.49
C LYS A 362 -1.34 -5.71 -27.40
N ASP A 363 -0.76 -5.20 -28.49
CA ASP A 363 0.69 -5.03 -28.62
C ASP A 363 1.11 -3.57 -28.64
N SER A 364 0.27 -2.66 -28.15
CA SER A 364 0.61 -1.25 -28.06
C SER A 364 -0.17 -0.64 -26.92
N GLU A 365 0.20 0.60 -26.58
CA GLU A 365 -0.47 1.31 -25.50
C GLU A 365 -1.86 1.77 -25.87
N SER A 366 -2.25 1.65 -27.14
CA SER A 366 -3.61 1.91 -27.58
C SER A 366 -4.09 3.32 -27.20
N LYS A 367 -3.23 4.31 -27.43
CA LYS A 367 -3.70 5.70 -27.34
C LYS A 367 -4.76 5.94 -28.41
N ILE A 368 -5.87 6.53 -27.99
CA ILE A 368 -7.08 6.61 -28.79
C ILE A 368 -7.21 8.04 -29.31
N SER A 369 -7.33 8.18 -30.63
CA SER A 369 -7.62 9.47 -31.24
C SER A 369 -9.04 9.90 -30.90
N ARG A 370 -9.28 11.21 -31.02
CA ARG A 370 -10.63 11.72 -30.83
C ARG A 370 -11.62 11.03 -31.75
N GLU A 371 -11.25 10.80 -33.01
CA GLU A 371 -12.18 10.16 -33.93
C GLU A 371 -12.49 8.73 -33.49
N ASP A 372 -11.49 8.01 -32.98
CA ASP A 372 -11.74 6.65 -32.49
C ASP A 372 -12.47 6.67 -31.16
N PHE A 373 -12.24 7.69 -30.32
CA PHE A 373 -13.04 7.86 -29.10
C PHE A 373 -14.51 7.97 -29.43
N MET A 374 -14.86 8.84 -30.39
CA MET A 374 -16.26 9.02 -30.76
CA MET A 374 -16.26 9.01 -30.76
C MET A 374 -16.86 7.73 -31.31
N SER A 375 -16.09 6.99 -32.10
CA SER A 375 -16.61 5.71 -32.61
CA SER A 375 -16.58 5.70 -32.62
C SER A 375 -16.80 4.71 -31.47
N GLY A 376 -15.90 4.73 -30.49
CA GLY A 376 -16.04 3.83 -29.35
C GLY A 376 -17.27 4.09 -28.51
N VAL A 377 -17.65 5.36 -28.31
CA VAL A 377 -18.81 5.54 -27.43
C VAL A 377 -20.08 5.14 -28.17
N LYS A 378 -20.10 5.28 -29.49
CA LYS A 378 -21.26 4.79 -30.22
C LYS A 378 -21.36 3.26 -30.15
N LEU A 379 -20.22 2.57 -30.19
CA LEU A 379 -20.24 1.12 -30.02
C LEU A 379 -20.61 0.73 -28.60
N SER A 380 -20.22 1.54 -27.62
CA SER A 380 -20.41 1.20 -26.22
C SER A 380 -21.82 1.45 -25.75
N VAL A 381 -22.50 2.44 -26.32
CA VAL A 381 -23.86 2.74 -25.90
C VAL A 381 -24.77 2.63 -27.12
N PRO A 382 -24.96 1.41 -27.66
CA PRO A 382 -25.55 1.30 -29.00
C PRO A 382 -27.00 1.73 -29.06
N HIS A 383 -27.72 1.69 -27.95
CA HIS A 383 -29.12 2.07 -27.93
C HIS A 383 -29.34 3.58 -27.81
N ALA A 384 -28.28 4.39 -27.79
CA ALA A 384 -28.42 5.81 -27.49
C ALA A 384 -28.70 6.62 -28.75
N ASN A 385 -29.61 7.59 -28.61
CA ASN A 385 -29.79 8.59 -29.65
C ASN A 385 -28.63 9.59 -29.62
N ASP A 386 -28.62 10.51 -30.58
CA ASP A 386 -27.50 11.45 -30.69
C ASP A 386 -27.36 12.29 -29.42
N LEU A 387 -28.48 12.70 -28.83
CA LEU A 387 -28.41 13.47 -27.59
C LEU A 387 -27.80 12.66 -26.45
N GLY A 388 -28.16 11.38 -26.35
CA GLY A 388 -27.55 10.53 -25.35
C GLY A 388 -26.07 10.32 -25.59
N LEU A 389 -25.66 10.18 -26.87
CA LEU A 389 -24.25 10.08 -27.19
C LEU A 389 -23.49 11.34 -26.80
N ASP A 390 -24.05 12.51 -27.11
CA ASP A 390 -23.46 13.76 -26.67
C ASP A 390 -23.29 13.80 -25.15
N ALA A 391 -24.29 13.31 -24.42
CA ALA A 391 -24.22 13.38 -22.95
C ALA A 391 -23.10 12.50 -22.41
N VAL A 392 -22.97 11.28 -22.95
CA VAL A 392 -21.89 10.39 -22.55
C VAL A 392 -20.55 11.04 -22.86
N THR A 393 -20.41 11.62 -24.06
CA THR A 393 -19.16 12.22 -24.48
C THR A 393 -18.75 13.34 -23.53
N LEU A 394 -19.70 14.22 -23.21
CA LEU A 394 -19.40 15.34 -22.34
C LEU A 394 -19.02 14.86 -20.94
N GLN A 395 -19.70 13.84 -20.44
CA GLN A 395 -19.43 13.35 -19.10
C GLN A 395 -18.02 12.77 -18.98
N TYR A 396 -17.45 12.25 -20.08
CA TYR A 396 -16.17 11.53 -20.02
C TYR A 396 -15.05 12.19 -20.83
N THR A 397 -15.23 13.44 -21.28
CA THR A 397 -14.20 14.14 -22.05
C THR A 397 -13.66 15.30 -21.24
N ASP A 398 -12.34 15.39 -21.16
CA ASP A 398 -11.67 16.56 -20.59
C ASP A 398 -11.42 17.54 -21.73
N TRP A 399 -12.25 18.57 -21.83
CA TRP A 399 -12.14 19.53 -22.93
C TRP A 399 -10.97 20.49 -22.79
N MET A 400 -10.22 20.44 -21.70
CA MET A 400 -8.94 21.14 -21.70
C MET A 400 -7.85 20.37 -22.44
N ASP A 401 -8.09 19.10 -22.75
CA ASP A 401 -7.04 18.20 -23.19
C ASP A 401 -7.67 17.06 -23.99
N ASP A 402 -8.49 17.41 -24.99
CA ASP A 402 -9.33 16.42 -25.65
C ASP A 402 -8.59 15.57 -26.67
N ASN A 403 -7.34 15.90 -27.00
CA ASN A 403 -6.56 15.08 -27.93
C ASN A 403 -5.56 14.21 -27.21
N ASN A 404 -5.67 14.10 -25.89
CA ASN A 404 -4.78 13.25 -25.11
C ASN A 404 -5.21 11.80 -25.32
N GLY A 405 -4.35 11.02 -25.98
CA GLY A 405 -4.74 9.67 -26.35
C GLY A 405 -4.90 8.74 -25.17
N ILE A 406 -4.15 8.99 -24.10
CA ILE A 406 -4.30 8.20 -22.88
C ILE A 406 -5.62 8.52 -22.21
N LYS A 407 -5.97 9.80 -22.10
CA LYS A 407 -7.24 10.13 -21.46
C LYS A 407 -8.41 9.61 -22.27
N ASN A 408 -8.30 9.68 -23.60
CA ASN A 408 -9.37 9.15 -24.44
C ASN A 408 -9.50 7.65 -24.26
N ARG A 409 -8.36 6.96 -24.21
CA ARG A 409 -8.35 5.52 -24.00
C ARG A 409 -8.99 5.16 -22.67
N ASP A 410 -8.47 5.73 -21.58
CA ASP A 410 -9.00 5.42 -20.26
C ASP A 410 -10.45 5.90 -20.11
N GLY A 411 -10.80 7.00 -20.79
CA GLY A 411 -12.18 7.45 -20.73
C GLY A 411 -13.14 6.45 -21.34
N LEU A 412 -12.77 5.88 -22.48
CA LEU A 412 -13.59 4.87 -23.12
C LEU A 412 -13.63 3.58 -22.30
N ASP A 413 -12.48 3.19 -21.74
CA ASP A 413 -12.44 2.07 -20.79
C ASP A 413 -13.45 2.27 -19.68
N ASP A 414 -13.44 3.45 -19.05
CA ASP A 414 -14.39 3.74 -17.98
C ASP A 414 -15.83 3.67 -18.47
N ILE A 415 -16.11 4.23 -19.65
CA ILE A 415 -17.48 4.19 -20.18
C ILE A 415 -17.99 2.76 -20.23
N VAL A 416 -17.19 1.87 -20.82
CA VAL A 416 -17.65 0.49 -21.00
C VAL A 416 -17.89 -0.18 -19.65
N GLY A 417 -16.98 0.00 -18.69
CA GLY A 417 -17.09 -0.70 -17.43
C GLY A 417 -18.17 -0.12 -16.55
N ASP A 418 -18.34 1.22 -16.58
CA ASP A 418 -19.37 1.85 -15.76
C ASP A 418 -20.76 1.47 -16.26
N HIS A 419 -20.98 1.61 -17.56
CA HIS A 419 -22.30 1.36 -18.13
C HIS A 419 -22.66 -0.12 -18.05
N ASN A 420 -21.70 -1.01 -18.25
CA ASN A 420 -22.05 -2.42 -18.39
C ASN A 420 -21.93 -3.21 -17.10
N VAL A 421 -21.08 -2.78 -16.16
CA VAL A 421 -20.83 -3.60 -14.98
C VAL A 421 -21.02 -2.79 -13.71
N ILE A 422 -20.23 -1.72 -13.55
CA ILE A 422 -20.17 -1.09 -12.23
C ILE A 422 -21.50 -0.45 -11.88
N CYS A 423 -22.02 0.41 -12.74
CA CYS A 423 -23.22 1.15 -12.30
C CYS A 423 -24.45 0.26 -12.21
N PRO A 424 -24.67 -0.69 -13.14
CA PRO A 424 -25.74 -1.68 -12.92
C PRO A 424 -25.60 -2.39 -11.60
N LEU A 425 -24.38 -2.81 -11.24
CA LEU A 425 -24.19 -3.51 -9.98
C LEU A 425 -24.49 -2.58 -8.81
N MET A 426 -24.13 -1.30 -8.92
CA MET A 426 -24.39 -0.38 -7.82
C MET A 426 -25.88 -0.08 -7.69
N HIS A 427 -26.60 -0.06 -8.81
CA HIS A 427 -28.06 0.04 -8.74
C HIS A 427 -28.63 -1.16 -8.01
N PHE A 428 -28.18 -2.36 -8.39
CA PHE A 428 -28.63 -3.58 -7.74
C PHE A 428 -28.30 -3.55 -6.26
N VAL A 429 -27.07 -3.17 -5.91
CA VAL A 429 -26.66 -3.27 -4.52
C VAL A 429 -27.48 -2.32 -3.65
N ASN A 430 -27.82 -1.15 -4.20
CA ASN A 430 -28.61 -0.20 -3.43
C ASN A 430 -30.06 -0.66 -3.29
N LYS A 431 -30.65 -1.20 -4.36
CA LYS A 431 -32.00 -1.71 -4.25
C LYS A 431 -32.06 -2.93 -3.33
N TYR A 432 -31.08 -3.83 -3.45
CA TYR A 432 -31.11 -5.05 -2.64
C TYR A 432 -30.96 -4.74 -1.16
N THR A 433 -30.01 -3.87 -0.81
CA THR A 433 -29.68 -3.61 0.59
C THR A 433 -30.87 -3.05 1.35
N LYS A 434 -31.87 -2.52 0.64
CA LYS A 434 -33.04 -1.96 1.29
C LYS A 434 -33.86 -3.05 1.97
N PHE A 435 -33.82 -4.27 1.44
CA PHE A 435 -34.60 -5.38 1.98
C PHE A 435 -33.75 -6.54 2.48
N GLY A 436 -32.48 -6.62 2.09
CA GLY A 436 -31.66 -7.78 2.38
C GLY A 436 -31.22 -7.87 3.83
N ASN A 437 -30.46 -8.92 4.14
CA ASN A 437 -30.02 -9.23 5.49
C ASN A 437 -28.51 -9.05 5.67
N GLY A 438 -27.85 -8.37 4.74
CA GLY A 438 -26.44 -8.08 4.90
C GLY A 438 -25.71 -8.00 3.57
N THR A 439 -25.07 -6.87 3.28
CA THR A 439 -24.38 -6.67 2.01
C THR A 439 -22.91 -6.37 2.26
N TYR A 440 -22.04 -7.05 1.49
CA TYR A 440 -20.61 -6.76 1.53
C TYR A 440 -20.12 -6.47 0.11
N LEU A 441 -19.49 -5.31 -0.07
CA LEU A 441 -19.11 -4.81 -1.40
C LEU A 441 -17.60 -4.63 -1.49
N TYR A 442 -17.01 -5.05 -2.63
CA TYR A 442 -15.58 -4.96 -2.84
C TYR A 442 -15.27 -4.29 -4.18
N PHE A 443 -14.05 -3.77 -4.28
CA PHE A 443 -13.52 -3.15 -5.49
C PHE A 443 -12.16 -3.79 -5.71
N PHE A 444 -12.08 -4.74 -6.65
CA PHE A 444 -10.84 -5.47 -6.90
C PHE A 444 -10.01 -4.66 -7.90
N ASN A 445 -8.85 -4.16 -7.45
CA ASN A 445 -8.01 -3.33 -8.31
C ASN A 445 -6.56 -3.75 -8.27
N HIS A 446 -6.29 -5.05 -8.17
CA HIS A 446 -4.92 -5.53 -8.21
C HIS A 446 -4.61 -6.06 -9.61
N ARG A 447 -3.52 -5.57 -10.19
CA ARG A 447 -3.01 -6.05 -11.45
CA ARG A 447 -3.03 -6.07 -11.46
C ARG A 447 -2.02 -7.17 -11.19
N ALA A 448 -2.30 -8.37 -11.70
CA ALA A 448 -1.42 -9.52 -11.45
C ALA A 448 -0.01 -9.29 -11.96
N SER A 449 0.99 -9.67 -11.14
CA SER A 449 2.39 -9.48 -11.51
C SER A 449 2.74 -10.20 -12.81
N ASN A 450 2.11 -11.35 -13.06
CA ASN A 450 2.41 -12.19 -14.20
C ASN A 450 1.37 -12.08 -15.31
N LEU A 451 0.65 -10.96 -15.39
CA LEU A 451 -0.40 -10.82 -16.40
C LEU A 451 0.22 -10.82 -17.80
N VAL A 452 -0.42 -11.53 -18.72
CA VAL A 452 0.12 -11.58 -20.08
C VAL A 452 -0.47 -10.50 -20.98
N TRP A 453 -1.48 -9.77 -20.50
CA TRP A 453 -2.09 -8.70 -21.25
C TRP A 453 -1.41 -7.38 -20.96
N PRO A 454 -1.47 -6.41 -21.88
CA PRO A 454 -0.70 -5.18 -21.72
C PRO A 454 -1.22 -4.30 -20.58
N GLU A 455 -0.35 -3.37 -20.16
CA GLU A 455 -0.63 -2.56 -18.97
C GLU A 455 -1.86 -1.67 -19.15
N TRP A 456 -2.16 -1.24 -20.38
CA TRP A 456 -3.28 -0.31 -20.55
C TRP A 456 -4.61 -0.95 -20.16
N MET A 457 -4.71 -2.26 -20.24
CA MET A 457 -5.96 -2.93 -19.94
C MET A 457 -6.23 -3.03 -18.43
N GLY A 458 -5.23 -2.74 -17.59
CA GLY A 458 -5.50 -2.58 -16.16
C GLY A 458 -5.91 -3.88 -15.47
N VAL A 459 -6.98 -3.81 -14.70
CA VAL A 459 -7.50 -4.93 -13.91
C VAL A 459 -8.72 -5.44 -14.65
N ILE A 460 -8.55 -6.53 -15.39
CA ILE A 460 -9.40 -6.94 -16.50
C ILE A 460 -10.58 -7.77 -16.01
N HIS A 461 -11.71 -7.61 -16.71
CA HIS A 461 -12.89 -8.44 -16.55
C HIS A 461 -12.51 -9.92 -16.57
N GLY A 462 -12.74 -10.61 -15.46
CA GLY A 462 -12.41 -12.02 -15.33
C GLY A 462 -11.18 -12.32 -14.52
N TYR A 463 -10.31 -11.35 -14.27
CA TYR A 463 -9.01 -11.66 -13.71
C TYR A 463 -8.96 -11.57 -12.20
N GLU A 464 -10.11 -11.38 -11.54
CA GLU A 464 -10.16 -11.68 -10.12
C GLU A 464 -10.42 -13.18 -9.87
N ILE A 465 -10.86 -13.91 -10.89
CA ILE A 465 -11.26 -15.30 -10.68
C ILE A 465 -10.08 -16.13 -10.18
N GLU A 466 -8.90 -15.95 -10.79
CA GLU A 466 -7.75 -16.76 -10.39
C GLU A 466 -7.37 -16.54 -8.93
N PHE A 467 -7.63 -15.34 -8.38
CA PHE A 467 -7.42 -15.15 -6.95
C PHE A 467 -8.51 -15.83 -6.14
N VAL A 468 -9.75 -15.80 -6.62
CA VAL A 468 -10.83 -16.45 -5.88
C VAL A 468 -10.58 -17.96 -5.80
N PHE A 469 -9.98 -18.55 -6.84
CA PHE A 469 -9.79 -20.00 -6.89
C PHE A 469 -8.41 -20.44 -6.43
N GLY A 470 -7.59 -19.54 -5.89
CA GLY A 470 -6.36 -19.90 -5.25
C GLY A 470 -5.21 -20.26 -6.16
N LEU A 471 -5.27 -19.92 -7.44
CA LEU A 471 -4.14 -20.21 -8.31
C LEU A 471 -2.82 -19.56 -7.88
N PRO A 472 -2.78 -18.38 -7.24
CA PRO A 472 -1.49 -17.88 -6.72
C PRO A 472 -0.83 -18.78 -5.68
N LEU A 473 -1.53 -19.79 -5.17
CA LEU A 473 -0.92 -20.72 -4.23
C LEU A 473 -0.03 -21.73 -4.94
N VAL A 474 -0.08 -21.77 -6.28
CA VAL A 474 0.69 -22.71 -7.08
C VAL A 474 2.03 -22.04 -7.40
N LYS A 475 3.09 -22.50 -6.74
CA LYS A 475 4.43 -21.92 -6.88
C LYS A 475 4.83 -21.80 -8.35
N GLU A 476 4.49 -22.80 -9.15
CA GLU A 476 4.94 -22.85 -10.53
C GLU A 476 4.32 -21.76 -11.40
N LEU A 477 3.20 -21.17 -10.96
CA LEU A 477 2.58 -20.10 -11.74
C LEU A 477 3.26 -18.75 -11.54
N ASN A 478 4.19 -18.64 -10.59
CA ASN A 478 5.05 -17.46 -10.45
C ASN A 478 4.27 -16.20 -10.08
N TYR A 479 3.27 -16.35 -9.21
CA TYR A 479 2.75 -15.18 -8.52
C TYR A 479 3.69 -14.79 -7.39
N THR A 480 3.62 -13.53 -6.96
CA THR A 480 4.45 -13.07 -5.86
C THR A 480 3.91 -13.60 -4.52
N ALA A 481 4.73 -13.44 -3.47
CA ALA A 481 4.31 -13.89 -2.16
C ALA A 481 3.10 -13.12 -1.65
N GLU A 482 3.01 -11.85 -1.96
CA GLU A 482 1.87 -11.08 -1.49
C GLU A 482 0.63 -11.34 -2.33
N GLU A 483 0.79 -11.81 -3.56
CA GLU A 483 -0.36 -12.27 -4.32
C GLU A 483 -0.90 -13.59 -3.77
N GLU A 484 -0.02 -14.50 -3.37
CA GLU A 484 -0.50 -15.66 -2.62
C GLU A 484 -1.27 -15.22 -1.39
N ALA A 485 -0.74 -14.23 -0.67
CA ALA A 485 -1.41 -13.76 0.53
C ALA A 485 -2.78 -13.19 0.18
N LEU A 486 -2.84 -12.37 -0.87
CA LEU A 486 -4.12 -11.82 -1.32
C LEU A 486 -5.10 -12.93 -1.69
N SER A 487 -4.63 -13.92 -2.45
CA SER A 487 -5.52 -15.03 -2.80
C SER A 487 -6.04 -15.73 -1.54
N ARG A 488 -5.16 -15.98 -0.57
CA ARG A 488 -5.60 -16.68 0.64
C ARG A 488 -6.62 -15.88 1.41
N ARG A 489 -6.46 -14.57 1.47
CA ARG A 489 -7.42 -13.72 2.19
CA ARG A 489 -7.46 -13.84 2.25
C ARG A 489 -8.76 -13.68 1.48
N ILE A 490 -8.73 -13.66 0.15
CA ILE A 490 -9.96 -13.63 -0.64
C ILE A 490 -10.71 -14.95 -0.51
N MET A 491 -9.99 -16.08 -0.64
CA MET A 491 -10.64 -17.37 -0.44
C MET A 491 -11.24 -17.46 0.95
N HIS A 492 -10.57 -16.92 1.97
CA HIS A 492 -11.11 -16.98 3.32
C HIS A 492 -12.33 -16.06 3.49
N TYR A 493 -12.30 -14.87 2.90
CA TYR A 493 -13.50 -14.04 2.87
C TYR A 493 -14.67 -14.78 2.24
N TRP A 494 -14.45 -15.30 1.02
CA TRP A 494 -15.53 -15.96 0.29
C TRP A 494 -16.08 -17.14 1.07
N ALA A 495 -15.19 -17.97 1.63
CA ALA A 495 -15.63 -19.18 2.31
C ALA A 495 -16.28 -18.87 3.65
N THR A 496 -15.69 -17.93 4.41
CA THR A 496 -16.29 -17.54 5.68
C THR A 496 -17.66 -16.89 5.47
N PHE A 497 -17.79 -16.05 4.45
CA PHE A 497 -19.11 -15.56 4.07
C PHE A 497 -20.04 -16.72 3.74
N ALA A 498 -19.56 -17.66 2.93
CA ALA A 498 -20.39 -18.81 2.56
C ALA A 498 -20.90 -19.54 3.81
N LYS A 499 -20.02 -19.72 4.82
CA LYS A 499 -20.39 -20.50 6.00
C LYS A 499 -21.28 -19.73 6.95
N THR A 500 -21.13 -18.40 7.01
CA THR A 500 -21.72 -17.63 8.09
C THR A 500 -22.52 -16.43 7.65
N GLY A 501 -22.45 -16.00 6.39
CA GLY A 501 -23.10 -14.76 5.99
C GLY A 501 -22.31 -13.52 6.28
N ASN A 502 -21.07 -13.65 6.73
CA ASN A 502 -20.18 -12.55 7.10
C ASN A 502 -18.76 -12.94 6.71
N PRO A 503 -18.08 -12.16 5.86
CA PRO A 503 -16.72 -12.54 5.44
C PRO A 503 -15.70 -12.43 6.54
N ASN A 504 -16.02 -11.76 7.64
CA ASN A 504 -15.11 -11.57 8.77
C ASN A 504 -15.26 -12.70 9.78
N GLU A 505 -14.14 -13.07 10.40
CA GLU A 505 -14.19 -13.88 11.61
C GLU A 505 -14.23 -12.95 12.81
N PRO A 506 -15.38 -12.82 13.49
CA PRO A 506 -15.61 -11.65 14.37
C PRO A 506 -14.70 -11.56 15.59
N HIS A 507 -14.04 -12.64 16.00
CA HIS A 507 -13.09 -12.56 17.10
C HIS A 507 -11.64 -12.48 16.63
N SER A 508 -11.41 -12.32 15.34
CA SER A 508 -10.06 -12.16 14.82
C SER A 508 -9.53 -10.77 15.10
N GLN A 509 -8.21 -10.63 15.00
CA GLN A 509 -7.58 -9.34 15.14
C GLN A 509 -7.45 -8.59 13.82
N GLU A 510 -7.86 -9.20 12.71
CA GLU A 510 -7.66 -8.62 11.37
C GLU A 510 -8.65 -7.48 11.11
N SER A 511 -8.28 -6.63 10.15
CA SER A 511 -9.17 -5.54 9.74
C SER A 511 -10.50 -6.08 9.25
N LYS A 512 -11.58 -5.40 9.62
CA LYS A 512 -12.93 -5.87 9.37
C LYS A 512 -13.50 -5.23 8.11
N TRP A 513 -13.98 -6.07 7.21
CA TRP A 513 -14.77 -5.64 6.05
C TRP A 513 -16.14 -5.18 6.53
N PRO A 514 -16.45 -3.89 6.49
CA PRO A 514 -17.73 -3.44 7.03
C PRO A 514 -18.89 -3.77 6.11
N LEU A 515 -20.06 -3.96 6.74
CA LEU A 515 -21.32 -4.05 6.00
C LEU A 515 -21.52 -2.81 5.13
N PHE A 516 -22.04 -3.04 3.93
CA PHE A 516 -22.59 -1.96 3.11
C PHE A 516 -23.99 -1.63 3.63
N THR A 517 -24.21 -0.37 4.00
CA THR A 517 -25.51 0.10 4.44
C THR A 517 -26.02 1.18 3.49
N THR A 518 -27.35 1.31 3.42
CA THR A 518 -27.95 2.36 2.60
C THR A 518 -27.36 3.73 2.90
N LYS A 519 -27.10 4.02 4.17
CA LYS A 519 -26.67 5.37 4.52
C LYS A 519 -25.20 5.59 4.20
N GLU A 520 -24.32 4.72 4.71
CA GLU A 520 -22.90 5.00 4.59
C GLU A 520 -22.22 4.32 3.41
N GLN A 521 -22.83 3.29 2.81
CA GLN A 521 -22.42 2.79 1.49
C GLN A 521 -20.93 2.42 1.44
N LYS A 522 -20.46 1.73 2.46
CA LYS A 522 -19.05 1.37 2.55
C LYS A 522 -18.69 0.17 1.68
N PHE A 523 -17.47 0.20 1.15
CA PHE A 523 -16.89 -0.93 0.44
C PHE A 523 -15.40 -0.97 0.77
N ILE A 524 -14.74 -2.07 0.44
CA ILE A 524 -13.30 -2.17 0.57
C ILE A 524 -12.66 -2.38 -0.79
N ASP A 525 -11.43 -1.89 -0.94
CA ASP A 525 -10.55 -2.35 -2.01
C ASP A 525 -10.06 -3.74 -1.67
N LEU A 526 -9.96 -4.60 -2.69
CA LEU A 526 -9.23 -5.86 -2.56
C LEU A 526 -7.96 -5.72 -3.38
N ASN A 527 -6.82 -5.72 -2.69
CA ASN A 527 -5.51 -5.71 -3.35
C ASN A 527 -4.47 -6.14 -2.32
N THR A 528 -3.20 -5.99 -2.66
CA THR A 528 -2.14 -6.48 -1.79
C THR A 528 -1.78 -5.54 -0.66
N GLU A 529 -2.38 -4.34 -0.61
CA GLU A 529 -2.10 -3.39 0.44
C GLU A 529 -3.04 -3.62 1.62
N PRO A 530 -2.68 -3.13 2.80
CA PRO A 530 -3.63 -3.14 3.92
C PRO A 530 -4.97 -2.58 3.50
N MET A 531 -6.01 -3.04 4.18
CA MET A 531 -7.38 -2.73 3.75
C MET A 531 -7.67 -1.25 3.85
N LYS A 532 -8.37 -0.73 2.83
CA LYS A 532 -8.95 0.61 2.88
C LYS A 532 -10.46 0.50 2.76
N VAL A 533 -11.17 1.24 3.60
CA VAL A 533 -12.61 1.40 3.49
C VAL A 533 -12.90 2.71 2.75
N HIS A 534 -13.80 2.65 1.78
CA HIS A 534 -14.26 3.83 1.05
C HIS A 534 -15.78 3.86 1.10
N GLN A 535 -16.36 4.92 0.56
CA GLN A 535 -17.80 5.06 0.48
C GLN A 535 -18.21 5.48 -0.93
N ARG A 536 -19.40 5.05 -1.35
CA ARG A 536 -20.06 5.51 -2.57
C ARG A 536 -19.21 5.20 -3.81
N LEU A 537 -19.10 3.89 -4.06
CA LEU A 537 -18.37 3.41 -5.22
C LEU A 537 -18.89 4.05 -6.50
N ARG A 538 -18.00 4.82 -7.15
CA ARG A 538 -18.25 5.42 -8.46
C ARG A 538 -19.58 6.19 -8.49
N VAL A 539 -19.87 6.91 -7.41
CA VAL A 539 -21.21 7.46 -7.26
C VAL A 539 -21.49 8.50 -8.34
N GLN A 540 -20.49 9.30 -8.73
CA GLN A 540 -20.77 10.39 -9.66
C GLN A 540 -21.18 9.85 -11.03
N MET A 541 -20.37 8.94 -11.58
CA MET A 541 -20.72 8.37 -12.87
C MET A 541 -22.00 7.54 -12.80
N CYS A 542 -22.25 6.91 -11.66
CA CYS A 542 -23.43 6.06 -11.61
C CYS A 542 -24.71 6.86 -11.42
N VAL A 543 -24.64 8.07 -10.86
CA VAL A 543 -25.78 8.96 -11.03
C VAL A 543 -26.04 9.21 -12.51
N PHE A 544 -24.97 9.40 -13.29
CA PHE A 544 -25.17 9.64 -14.71
C PHE A 544 -25.83 8.43 -15.38
N TRP A 545 -25.27 7.23 -15.15
CA TRP A 545 -25.75 6.05 -15.86
C TRP A 545 -27.10 5.56 -15.34
N ASN A 546 -27.32 5.68 -14.02
CA ASN A 546 -28.52 5.08 -13.43
C ASN A 546 -29.68 6.04 -13.31
N GLN A 547 -29.44 7.35 -13.29
CA GLN A 547 -30.54 8.29 -13.17
C GLN A 547 -30.66 9.21 -14.37
N PHE A 548 -29.60 9.93 -14.75
CA PHE A 548 -29.78 10.98 -15.74
C PHE A 548 -29.95 10.41 -17.14
N LEU A 549 -29.01 9.59 -17.60
CA LEU A 549 -29.09 9.11 -18.98
C LEU A 549 -30.40 8.39 -19.28
N PRO A 550 -30.90 7.47 -18.43
CA PRO A 550 -32.19 6.84 -18.73
C PRO A 550 -33.32 7.84 -18.90
N LYS A 551 -33.28 8.93 -18.12
CA LYS A 551 -34.30 9.96 -18.22
C LYS A 551 -34.15 10.75 -19.52
N LEU A 552 -32.91 11.05 -19.91
CA LEU A 552 -32.69 11.67 -21.22
C LEU A 552 -33.20 10.77 -22.34
N LEU A 553 -32.83 9.49 -22.30
CA LEU A 553 -33.20 8.58 -23.40
C LEU A 553 -34.70 8.33 -23.45
N ASN A 554 -35.38 8.46 -22.32
CA ASN A 554 -36.82 8.26 -22.29
C ASN A 554 -37.58 9.52 -22.68
N ALA A 555 -36.90 10.65 -22.80
CA ALA A 555 -37.53 11.88 -23.23
C ALA A 555 -37.61 11.91 -24.76
N SER B 25 26.36 -16.56 27.71
CA SER B 25 25.76 -16.37 29.03
C SER B 25 25.64 -14.87 29.32
N GLU B 26 26.79 -14.22 29.50
CA GLU B 26 26.82 -12.77 29.48
C GLU B 26 26.55 -12.24 28.08
N LEU B 27 26.96 -12.99 27.06
CA LEU B 27 26.77 -12.63 25.67
C LEU B 27 25.51 -13.22 25.05
N LEU B 28 24.80 -14.09 25.75
CA LEU B 28 23.60 -14.75 25.23
C LEU B 28 22.40 -14.22 26.01
N VAL B 29 21.58 -13.41 25.34
CA VAL B 29 20.46 -12.72 25.97
C VAL B 29 19.17 -13.17 25.28
N ASN B 30 18.18 -13.55 26.08
CA ASN B 30 16.84 -13.84 25.56
C ASN B 30 15.99 -12.58 25.63
N THR B 31 15.65 -12.03 24.47
CA THR B 31 14.74 -10.89 24.38
C THR B 31 13.33 -11.38 24.07
N LYS B 32 12.38 -10.44 24.13
CA LYS B 32 10.99 -10.80 23.87
C LYS B 32 10.75 -11.24 22.43
N SER B 33 11.67 -10.94 21.52
CA SER B 33 11.53 -11.33 20.13
C SER B 33 12.43 -12.49 19.75
N GLY B 34 13.24 -12.99 20.69
CA GLY B 34 14.11 -14.10 20.38
C GLY B 34 15.45 -13.93 21.04
N LYS B 35 16.29 -14.94 20.93
CA LYS B 35 17.62 -14.92 21.53
C LYS B 35 18.60 -14.13 20.67
N VAL B 36 19.52 -13.44 21.34
CA VAL B 36 20.58 -12.67 20.69
CA VAL B 36 20.59 -12.71 20.66
C VAL B 36 21.91 -13.10 21.28
N MET B 37 22.93 -13.22 20.44
CA MET B 37 24.29 -13.54 20.87
C MET B 37 25.20 -12.37 20.51
N GLY B 38 25.69 -11.65 21.52
CA GLY B 38 26.62 -10.57 21.32
C GLY B 38 28.06 -11.04 21.27
N THR B 39 28.98 -10.09 21.44
CA THR B 39 30.41 -10.36 21.28
C THR B 39 31.17 -9.56 22.33
N ARG B 40 32.35 -10.06 22.72
CA ARG B 40 33.18 -9.38 23.71
CA ARG B 40 33.19 -9.38 23.72
C ARG B 40 34.18 -8.50 22.98
N VAL B 41 34.12 -7.20 23.22
CA VAL B 41 35.00 -6.29 22.49
C VAL B 41 36.03 -5.67 23.43
N PRO B 42 37.23 -5.35 22.96
CA PRO B 42 38.19 -4.63 23.78
C PRO B 42 37.82 -3.16 23.88
N VAL B 43 38.12 -2.58 25.04
CA VAL B 43 37.98 -1.14 25.24
C VAL B 43 39.01 -0.69 26.28
N LEU B 44 40.01 0.08 25.84
CA LEU B 44 40.99 0.74 26.73
C LEU B 44 41.54 -0.21 27.78
N SER B 45 42.20 -1.27 27.32
CA SER B 45 42.83 -2.26 28.18
C SER B 45 41.84 -3.05 29.03
N SER B 46 40.56 -2.98 28.69
CA SER B 46 39.53 -3.81 29.33
C SER B 46 38.64 -4.37 28.23
N HIS B 47 37.45 -4.82 28.60
CA HIS B 47 36.50 -5.38 27.64
C HIS B 47 35.08 -5.04 28.10
N ILE B 48 34.15 -5.05 27.14
CA ILE B 48 32.71 -4.99 27.44
C ILE B 48 31.97 -5.81 26.38
N SER B 49 30.67 -5.95 26.58
CA SER B 49 29.82 -6.71 25.67
C SER B 49 29.20 -5.80 24.61
N ALA B 50 29.18 -6.26 23.37
CA ALA B 50 28.54 -5.52 22.28
C ALA B 50 27.51 -6.41 21.60
N PHE B 51 26.31 -5.90 21.42
CA PHE B 51 25.27 -6.59 20.67
C PHE B 51 24.97 -5.71 19.46
N LEU B 52 25.52 -6.09 18.31
CA LEU B 52 25.47 -5.28 17.11
C LEU B 52 24.45 -5.85 16.13
N GLY B 53 23.63 -4.97 15.57
CA GLY B 53 22.72 -5.38 14.52
C GLY B 53 21.48 -6.12 14.97
N ILE B 54 20.90 -5.73 16.10
CA ILE B 54 19.66 -6.37 16.56
C ILE B 54 18.48 -5.77 15.81
N PRO B 55 17.63 -6.57 15.16
CA PRO B 55 16.48 -6.02 14.45
C PRO B 55 15.37 -5.61 15.39
N PHE B 56 14.79 -4.43 15.15
CA PHE B 56 13.64 -3.97 15.93
C PHE B 56 12.39 -3.75 15.10
N ALA B 57 12.47 -3.91 13.78
CA ALA B 57 11.29 -3.78 12.93
C ALA B 57 11.40 -4.78 11.78
N GLU B 58 10.27 -5.01 11.11
CA GLU B 58 10.31 -5.77 9.87
C GLU B 58 11.03 -4.95 8.78
N PRO B 59 11.80 -5.60 7.92
CA PRO B 59 12.46 -4.87 6.83
C PRO B 59 11.47 -4.06 6.03
N PRO B 60 11.63 -2.76 5.95
CA PRO B 60 10.67 -1.93 5.22
C PRO B 60 10.94 -1.91 3.72
N VAL B 61 10.86 -3.09 3.11
CA VAL B 61 11.26 -3.27 1.71
C VAL B 61 10.04 -3.59 0.86
N GLY B 62 10.20 -3.43 -0.45
CA GLY B 62 9.12 -3.77 -1.36
C GLY B 62 7.90 -2.89 -1.12
N ASN B 63 6.73 -3.52 -1.00
CA ASN B 63 5.52 -2.73 -0.81
C ASN B 63 5.45 -2.11 0.57
N MET B 64 6.43 -2.35 1.43
CA MET B 64 6.49 -1.63 2.69
CA MET B 64 6.49 -1.63 2.70
C MET B 64 7.36 -0.39 2.62
N ARG B 65 7.90 -0.06 1.45
CA ARG B 65 8.59 1.21 1.29
C ARG B 65 7.58 2.34 1.49
N PHE B 66 7.95 3.32 2.32
CA PHE B 66 7.21 4.52 2.72
C PHE B 66 6.20 4.24 3.81
N ARG B 67 5.95 2.98 4.19
CA ARG B 67 4.94 2.69 5.19
C ARG B 67 5.51 2.84 6.59
N ARG B 68 4.60 2.99 7.55
CA ARG B 68 4.99 2.95 8.96
C ARG B 68 5.72 1.64 9.22
N PRO B 69 6.67 1.63 10.15
CA PRO B 69 7.31 0.37 10.50
C PRO B 69 6.35 -0.56 11.23
N GLU B 70 6.65 -1.86 11.13
CA GLU B 70 5.95 -2.94 11.81
C GLU B 70 6.93 -3.67 12.73
N PRO B 71 6.49 -4.07 13.92
CA PRO B 71 7.39 -4.79 14.83
C PRO B 71 8.04 -5.99 14.18
N LYS B 72 9.31 -6.22 14.52
CA LYS B 72 10.02 -7.39 14.03
C LYS B 72 9.34 -8.64 14.56
N LYS B 73 8.94 -9.53 13.65
CA LYS B 73 8.35 -10.79 14.07
C LYS B 73 9.39 -11.65 14.79
N PRO B 74 9.03 -12.25 15.91
CA PRO B 74 10.00 -13.09 16.65
C PRO B 74 10.60 -14.18 15.77
N TRP B 75 11.87 -14.47 16.05
CA TRP B 75 12.62 -15.49 15.34
C TRP B 75 12.96 -16.64 16.29
N SER B 76 13.08 -17.84 15.74
CA SER B 76 13.66 -18.94 16.49
C SER B 76 15.18 -18.93 16.31
N GLY B 77 15.86 -19.69 17.14
CA GLY B 77 17.31 -19.72 17.08
C GLY B 77 17.94 -18.44 17.61
N VAL B 78 19.24 -18.34 17.42
CA VAL B 78 20.07 -17.32 18.04
C VAL B 78 20.46 -16.30 16.98
N TRP B 79 20.05 -15.05 17.18
CA TRP B 79 20.43 -13.99 16.25
C TRP B 79 21.88 -13.63 16.49
N ASN B 80 22.68 -13.72 15.44
CA ASN B 80 24.10 -13.40 15.52
C ASN B 80 24.25 -11.88 15.57
N ALA B 81 24.51 -11.35 16.75
CA ALA B 81 24.65 -9.91 16.95
C ALA B 81 26.12 -9.52 17.14
N SER B 82 27.00 -10.10 16.34
CA SER B 82 28.42 -9.81 16.46
C SER B 82 28.92 -8.78 15.47
N THR B 83 28.05 -8.32 14.57
CA THR B 83 28.46 -7.58 13.39
C THR B 83 27.53 -6.39 13.18
N TYR B 84 28.10 -5.23 12.85
CA TYR B 84 27.30 -4.06 12.53
C TYR B 84 26.31 -4.39 11.40
N PRO B 85 25.09 -3.84 11.44
CA PRO B 85 24.15 -4.00 10.33
C PRO B 85 24.51 -3.19 9.09
N ASN B 86 23.71 -3.36 8.03
CA ASN B 86 23.69 -2.45 6.91
C ASN B 86 23.24 -1.06 7.35
N ASN B 87 23.55 -0.08 6.51
CA ASN B 87 23.12 1.31 6.67
C ASN B 87 21.93 1.57 5.76
N CYS B 88 21.11 2.56 6.13
CA CYS B 88 19.95 2.84 5.28
C CYS B 88 20.41 3.51 3.98
N GLN B 89 19.58 3.36 2.95
CA GLN B 89 19.88 3.95 1.66
C GLN B 89 19.91 5.47 1.79
N GLN B 90 20.97 6.09 1.25
CA GLN B 90 21.15 7.52 1.43
C GLN B 90 22.06 8.07 0.33
N TYR B 91 21.92 9.37 0.08
CA TYR B 91 22.89 10.13 -0.70
C TYR B 91 24.27 10.04 -0.05
N VAL B 92 25.29 9.69 -0.83
CA VAL B 92 26.65 9.53 -0.35
C VAL B 92 27.51 10.67 -0.90
N ASP B 93 28.23 11.35 0.00
CA ASP B 93 29.01 12.54 -0.35
C ASP B 93 30.31 12.14 -1.04
N GLU B 94 30.56 12.66 -2.24
CA GLU B 94 31.80 12.42 -2.96
CA GLU B 94 31.85 12.41 -2.86
C GLU B 94 32.55 13.71 -3.25
N GLN B 95 32.28 14.79 -2.50
CA GLN B 95 32.99 16.05 -2.76
C GLN B 95 34.50 15.86 -2.63
N PHE B 96 34.93 15.21 -1.56
CA PHE B 96 36.36 15.02 -1.25
C PHE B 96 36.63 13.52 -1.10
N PRO B 97 36.76 12.81 -2.22
CA PRO B 97 36.91 11.34 -2.15
C PRO B 97 38.15 10.92 -1.36
N GLY B 98 37.96 9.98 -0.44
CA GLY B 98 39.05 9.48 0.38
C GLY B 98 39.50 10.42 1.48
N PHE B 99 38.98 11.65 1.54
CA PHE B 99 39.36 12.57 2.59
C PHE B 99 38.72 12.15 3.90
N SER B 100 39.53 11.98 4.95
CA SER B 100 39.02 11.39 6.18
C SER B 100 37.93 12.25 6.80
N GLY B 101 38.03 13.56 6.65
CA GLY B 101 37.12 14.46 7.35
C GLY B 101 35.71 14.40 6.81
N SER B 102 35.54 14.03 5.54
CA SER B 102 34.22 13.81 4.99
C SER B 102 33.82 12.34 5.01
N GLU B 103 34.78 11.44 4.73
CA GLU B 103 34.46 10.02 4.68
C GLU B 103 33.98 9.49 6.02
N MET B 104 34.46 10.06 7.13
CA MET B 104 34.03 9.65 8.46
C MET B 104 32.51 9.77 8.67
N TRP B 105 31.79 10.45 7.79
CA TRP B 105 30.35 10.60 7.91
C TRP B 105 29.58 9.70 6.95
N ASN B 106 30.24 9.15 5.95
CA ASN B 106 29.59 8.34 4.93
C ASN B 106 29.30 6.94 5.49
N PRO B 107 28.37 6.21 4.88
CA PRO B 107 28.12 4.83 5.32
C PRO B 107 29.41 4.01 5.26
N ASN B 108 29.70 3.30 6.35
CA ASN B 108 30.85 2.40 6.35
C ASN B 108 30.42 0.95 6.22
N ARG B 109 29.13 0.72 5.96
CA ARG B 109 28.63 -0.61 5.68
CA ARG B 109 28.59 -0.61 5.70
C ARG B 109 27.81 -0.55 4.40
N GLU B 110 27.48 -1.73 3.87
CA GLU B 110 26.59 -1.81 2.71
C GLU B 110 25.29 -1.08 3.00
N MET B 111 24.79 -0.35 2.01
CA MET B 111 23.50 0.30 2.14
C MET B 111 22.38 -0.64 1.71
N SER B 112 21.28 -0.61 2.47
CA SER B 112 20.12 -1.44 2.15
C SER B 112 18.88 -0.82 2.75
N GLU B 113 17.75 -1.00 2.06
CA GLU B 113 16.48 -0.67 2.69
C GLU B 113 16.20 -1.52 3.91
N ASP B 114 16.83 -2.70 3.98
CA ASP B 114 16.76 -3.56 5.16
C ASP B 114 17.80 -3.03 6.14
N CYS B 115 17.41 -1.98 6.90
CA CYS B 115 18.39 -1.30 7.74
C CYS B 115 17.88 -0.97 9.14
N LEU B 116 16.74 -1.51 9.58
CA LEU B 116 16.16 -1.09 10.87
C LEU B 116 16.70 -1.99 11.98
N TYR B 117 17.88 -1.64 12.46
CA TYR B 117 18.61 -2.37 13.47
C TYR B 117 19.14 -1.42 14.53
N LEU B 118 19.41 -1.97 15.72
CA LEU B 118 20.02 -1.19 16.79
C LEU B 118 21.20 -1.96 17.36
N ASN B 119 22.08 -1.23 18.05
CA ASN B 119 23.32 -1.75 18.63
C ASN B 119 23.36 -1.42 20.11
N ILE B 120 23.91 -2.32 20.91
CA ILE B 120 23.95 -2.15 22.37
C ILE B 120 25.34 -2.48 22.89
N TRP B 121 25.90 -1.57 23.69
CA TRP B 121 27.11 -1.85 24.47
C TRP B 121 26.75 -1.93 25.95
N VAL B 122 27.15 -3.03 26.58
CA VAL B 122 26.80 -3.34 27.96
C VAL B 122 28.09 -3.44 28.76
N PRO B 123 28.21 -2.78 29.91
CA PRO B 123 29.40 -3.00 30.75
C PRO B 123 29.53 -4.47 31.15
N SER B 124 30.77 -4.88 31.38
CA SER B 124 31.10 -6.23 31.84
C SER B 124 31.83 -6.15 33.19
N PRO B 125 31.25 -6.78 34.23
CA PRO B 125 30.07 -7.65 34.18
C PRO B 125 28.76 -6.87 34.02
N ARG B 126 27.72 -7.54 33.58
CA ARG B 126 26.45 -6.89 33.34
C ARG B 126 25.92 -6.26 34.62
N PRO B 127 25.68 -4.95 34.65
CA PRO B 127 25.07 -4.35 35.84
C PRO B 127 23.64 -4.86 36.02
N LYS B 128 23.10 -4.62 37.21
CA LYS B 128 21.76 -5.12 37.49
C LYS B 128 20.71 -4.29 36.78
N SER B 129 20.76 -2.96 36.96
CA SER B 129 19.73 -2.11 36.39
C SER B 129 20.24 -0.68 36.29
N THR B 130 21.06 -0.40 35.27
CA THR B 130 21.76 0.87 35.16
C THR B 130 21.08 1.81 34.16
N THR B 131 21.59 3.03 34.12
CA THR B 131 21.05 4.06 33.24
C THR B 131 21.29 3.71 31.76
N VAL B 132 20.29 4.00 30.93
CA VAL B 132 20.33 3.73 29.50
C VAL B 132 20.42 5.05 28.75
N MET B 133 21.30 5.10 27.74
CA MET B 133 21.39 6.24 26.83
C MET B 133 21.26 5.74 25.40
N VAL B 134 20.32 6.33 24.65
CA VAL B 134 20.00 5.90 23.29
C VAL B 134 20.39 7.02 22.34
N TRP B 135 21.37 6.75 21.47
CA TRP B 135 21.89 7.72 20.52
C TRP B 135 21.06 7.72 19.23
N ILE B 136 20.68 8.92 18.78
CA ILE B 136 19.94 9.09 17.53
C ILE B 136 20.82 9.89 16.58
N TYR B 137 21.30 9.25 15.52
CA TYR B 137 22.25 9.96 14.65
C TYR B 137 21.56 11.10 13.91
N GLY B 138 22.37 12.12 13.58
CA GLY B 138 21.92 13.20 12.73
C GLY B 138 22.31 12.97 11.29
N GLY B 139 22.20 14.03 10.50
CA GLY B 139 22.41 13.96 9.07
C GLY B 139 21.30 14.61 8.25
N GLY B 140 20.65 15.62 8.83
CA GLY B 140 19.68 16.40 8.07
C GLY B 140 18.44 15.64 7.65
N PHE B 141 18.17 14.48 8.27
CA PHE B 141 17.12 13.54 7.87
C PHE B 141 17.33 12.92 6.48
N TYR B 142 18.46 13.23 5.82
CA TYR B 142 18.75 12.63 4.52
C TYR B 142 19.89 11.64 4.57
N SER B 143 20.59 11.52 5.70
CA SER B 143 21.81 10.74 5.77
C SER B 143 22.06 10.35 7.22
N GLY B 144 23.04 9.47 7.41
CA GLY B 144 23.42 9.06 8.73
C GLY B 144 23.42 7.56 8.89
N SER B 145 24.22 7.07 9.83
CA SER B 145 24.39 5.65 10.08
C SER B 145 24.68 5.46 11.56
N SER B 146 24.13 4.40 12.15
CA SER B 146 24.47 4.08 13.53
C SER B 146 25.89 3.55 13.68
N THR B 147 26.55 3.20 12.58
CA THR B 147 27.77 2.40 12.59
C THR B 147 29.04 3.21 12.41
N LEU B 148 28.96 4.53 12.29
CA LEU B 148 30.15 5.34 12.13
C LEU B 148 31.10 5.14 13.30
N ASP B 149 32.41 5.21 13.03
CA ASP B 149 33.41 5.13 14.07
C ASP B 149 33.15 6.12 15.21
N VAL B 150 32.76 7.36 14.86
CA VAL B 150 32.56 8.35 15.92
C VAL B 150 31.35 8.06 16.79
N TYR B 151 30.51 7.09 16.44
CA TYR B 151 29.36 6.72 17.25
C TYR B 151 29.58 5.43 18.04
N ASN B 152 30.80 4.88 18.00
CA ASN B 152 31.11 3.65 18.73
C ASN B 152 30.86 3.87 20.21
N GLY B 153 29.90 3.12 20.76
CA GLY B 153 29.49 3.37 22.12
C GLY B 153 30.34 2.76 23.21
N LYS B 154 31.42 2.05 22.88
CA LYS B 154 32.10 1.25 23.89
C LYS B 154 32.81 2.12 24.92
N TYR B 155 33.36 3.26 24.50
CA TYR B 155 34.10 4.10 25.45
C TYR B 155 33.16 4.74 26.47
N LEU B 156 31.99 5.21 26.02
CA LEU B 156 31.04 5.84 26.94
C LEU B 156 30.38 4.79 27.85
N ALA B 157 29.99 3.65 27.29
CA ALA B 157 29.43 2.58 28.11
C ALA B 157 30.43 2.12 29.16
N TYR B 158 31.67 1.90 28.75
CA TYR B 158 32.69 1.45 29.70
C TYR B 158 33.00 2.53 30.73
N THR B 159 33.36 3.72 30.27
CA THR B 159 33.87 4.75 31.17
C THR B 159 32.81 5.18 32.17
N GLU B 160 31.55 5.29 31.74
CA GLU B 160 30.51 5.81 32.61
C GLU B 160 29.55 4.74 33.11
N GLU B 161 29.79 3.47 32.79
CA GLU B 161 28.96 2.37 33.30
CA GLU B 161 28.97 2.36 33.27
C GLU B 161 27.49 2.59 32.96
N VAL B 162 27.22 2.80 31.67
CA VAL B 162 25.86 2.93 31.18
C VAL B 162 25.67 1.91 30.08
N VAL B 163 24.41 1.56 29.83
CA VAL B 163 24.04 0.76 28.68
C VAL B 163 23.79 1.74 27.53
N LEU B 164 24.62 1.65 26.49
CA LEU B 164 24.59 2.58 25.36
C LEU B 164 23.94 1.87 24.17
N VAL B 165 22.82 2.41 23.71
CA VAL B 165 22.10 1.93 22.54
C VAL B 165 22.25 2.95 21.42
N SER B 166 22.49 2.49 20.19
CA SER B 166 22.34 3.37 19.04
C SER B 166 21.30 2.79 18.11
N LEU B 167 20.30 3.59 17.76
CA LEU B 167 19.25 3.11 16.88
C LEU B 167 19.55 3.50 15.44
N SER B 168 18.65 3.14 14.53
CA SER B 168 18.69 3.61 13.16
C SER B 168 17.28 3.96 12.73
N TYR B 169 17.18 4.62 11.59
CA TYR B 169 15.88 5.05 11.08
C TYR B 169 16.05 5.41 9.62
N ARG B 170 14.99 5.18 8.84
CA ARG B 170 15.03 5.53 7.43
C ARG B 170 15.22 7.04 7.24
N VAL B 171 16.06 7.41 6.28
CA VAL B 171 16.31 8.81 5.96
C VAL B 171 15.90 9.06 4.51
N GLY B 172 15.87 10.34 4.14
CA GLY B 172 15.56 10.67 2.76
C GLY B 172 14.11 10.38 2.46
N ALA B 173 13.82 10.12 1.18
CA ALA B 173 12.45 9.77 0.79
C ALA B 173 11.95 8.54 1.54
N PHE B 174 12.83 7.56 1.79
CA PHE B 174 12.40 6.30 2.40
C PHE B 174 11.82 6.52 3.79
N GLY B 175 12.28 7.55 4.48
CA GLY B 175 11.82 7.84 5.83
C GLY B 175 10.84 8.98 5.92
N PHE B 176 10.75 9.84 4.90
CA PHE B 176 10.02 11.09 5.09
C PHE B 176 9.23 11.57 3.88
N LEU B 177 9.15 10.80 2.79
CA LEU B 177 8.14 11.05 1.78
C LEU B 177 6.76 11.13 2.43
N ALA B 178 6.06 12.25 2.22
CA ALA B 178 4.82 12.51 2.92
C ALA B 178 3.71 12.85 1.93
N LEU B 179 2.75 11.93 1.79
CA LEU B 179 1.52 12.18 1.05
C LEU B 179 0.39 12.12 2.05
N HIS B 180 0.18 13.23 2.77
CA HIS B 180 -0.73 13.24 3.91
C HIS B 180 -2.14 12.85 3.46
N GLY B 181 -2.78 11.97 4.24
CA GLY B 181 -4.03 11.36 3.89
C GLY B 181 -3.88 9.95 3.35
N SER B 182 -2.73 9.64 2.79
CA SER B 182 -2.42 8.26 2.43
C SER B 182 -1.90 7.51 3.64
N GLN B 183 -2.40 6.30 3.84
CA GLN B 183 -1.80 5.43 4.83
C GLN B 183 -0.65 4.62 4.26
N GLU B 184 -0.37 4.77 2.96
CA GLU B 184 0.72 4.06 2.31
C GLU B 184 2.03 4.85 2.35
N ALA B 185 1.97 6.17 2.27
CA ALA B 185 3.14 7.04 2.47
C ALA B 185 2.71 8.23 3.32
N PRO B 186 2.46 8.01 4.62
CA PRO B 186 1.86 9.07 5.46
C PRO B 186 2.83 10.18 5.83
N GLY B 187 4.12 9.97 5.71
CA GLY B 187 5.09 10.89 6.28
C GLY B 187 5.53 10.48 7.67
N ASN B 188 6.67 11.01 8.07
CA ASN B 188 7.22 10.83 9.42
C ASN B 188 7.58 9.38 9.74
N VAL B 189 7.72 8.49 8.76
CA VAL B 189 7.92 7.11 9.17
C VAL B 189 9.31 6.91 9.76
N GLY B 190 10.30 7.73 9.38
CA GLY B 190 11.59 7.68 10.05
C GLY B 190 11.50 8.01 11.53
N LEU B 191 10.63 8.95 11.89
CA LEU B 191 10.41 9.21 13.32
C LEU B 191 9.73 8.02 13.99
N LEU B 192 8.83 7.35 13.28
CA LEU B 192 8.19 6.16 13.84
C LEU B 192 9.17 5.00 13.94
N ASP B 193 10.14 4.89 13.03
CA ASP B 193 11.25 3.96 13.23
C ASP B 193 11.94 4.21 14.55
N GLN B 194 12.28 5.47 14.84
CA GLN B 194 12.96 5.78 16.08
C GLN B 194 12.10 5.39 17.27
N ARG B 195 10.79 5.69 17.19
CA ARG B 195 9.88 5.32 18.25
C ARG B 195 9.81 3.80 18.44
N MET B 196 9.78 3.05 17.33
CA MET B 196 9.71 1.60 17.46
C MET B 196 10.96 1.04 18.15
N ALA B 197 12.12 1.65 17.90
CA ALA B 197 13.33 1.22 18.59
C ALA B 197 13.29 1.62 20.05
N LEU B 198 12.74 2.80 20.37
CA LEU B 198 12.54 3.16 21.77
C LEU B 198 11.57 2.20 22.45
N GLN B 199 10.51 1.80 21.75
CA GLN B 199 9.60 0.82 22.30
C GLN B 199 10.32 -0.49 22.57
N TRP B 200 11.22 -0.88 21.66
CA TRP B 200 11.98 -2.11 21.85
C TRP B 200 12.89 -2.01 23.07
N VAL B 201 13.56 -0.86 23.24
CA VAL B 201 14.37 -0.63 24.44
C VAL B 201 13.49 -0.68 25.69
N HIS B 202 12.31 -0.07 25.63
CA HIS B 202 11.38 -0.09 26.76
C HIS B 202 11.05 -1.52 27.17
N ASP B 203 10.88 -2.41 26.19
CA ASP B 203 10.43 -3.79 26.41
C ASP B 203 11.56 -4.76 26.70
N ASN B 204 12.80 -4.45 26.29
CA ASN B 204 13.87 -5.44 26.32
C ASN B 204 15.14 -5.01 27.01
N ILE B 205 15.38 -3.71 27.22
CA ILE B 205 16.67 -3.32 27.76
C ILE B 205 16.92 -3.91 29.14
N GLN B 206 15.86 -4.25 29.89
CA GLN B 206 16.05 -4.90 31.20
C GLN B 206 16.80 -6.22 31.08
N PHE B 207 16.73 -6.87 29.91
CA PHE B 207 17.44 -8.15 29.77
C PHE B 207 18.92 -7.96 29.51
N PHE B 208 19.35 -6.72 29.25
CA PHE B 208 20.74 -6.36 29.04
C PHE B 208 21.33 -5.59 30.21
N GLY B 209 20.62 -5.53 31.34
CA GLY B 209 21.10 -4.80 32.48
C GLY B 209 20.73 -3.34 32.51
N GLY B 210 19.75 -2.92 31.71
CA GLY B 210 19.35 -1.52 31.65
C GLY B 210 18.02 -1.27 32.34
N ASP B 211 17.88 -0.08 32.89
CA ASP B 211 16.63 0.30 33.55
C ASP B 211 15.75 1.00 32.53
N PRO B 212 14.64 0.39 32.11
CA PRO B 212 13.76 1.07 31.14
C PRO B 212 13.08 2.31 31.69
N LYS B 213 13.13 2.55 33.00
CA LYS B 213 12.59 3.76 33.59
C LYS B 213 13.58 4.91 33.62
N THR B 214 14.84 4.67 33.24
CA THR B 214 15.87 5.72 33.22
C THR B 214 16.58 5.71 31.86
N VAL B 215 15.80 5.96 30.79
CA VAL B 215 16.35 6.04 29.44
C VAL B 215 16.49 7.51 29.06
N THR B 216 17.68 7.89 28.65
CA THR B 216 17.96 9.21 28.09
C THR B 216 18.18 9.06 26.59
N ILE B 217 17.40 9.78 25.81
CA ILE B 217 17.65 9.84 24.38
C ILE B 217 18.50 11.07 24.10
N PHE B 218 19.51 10.90 23.24
CA PHE B 218 20.35 12.02 22.84
C PHE B 218 20.72 11.89 21.36
N GLY B 219 20.95 13.02 20.73
CA GLY B 219 21.28 13.04 19.33
C GLY B 219 21.80 14.39 18.92
N GLU B 220 22.46 14.42 17.76
CA GLU B 220 23.03 15.62 17.20
C GLU B 220 22.35 15.95 15.88
N SER B 221 22.27 17.25 15.57
CA SER B 221 21.77 17.71 14.28
C SER B 221 20.34 17.21 14.12
N ALA B 222 20.00 16.49 13.05
CA ALA B 222 18.66 15.94 12.92
C ALA B 222 18.33 15.00 14.08
N GLY B 223 19.33 14.37 14.67
CA GLY B 223 19.10 13.56 15.87
C GLY B 223 18.69 14.41 17.06
N GLY B 224 19.27 15.60 17.18
CA GLY B 224 18.82 16.53 18.21
C GLY B 224 17.41 17.03 17.94
N ALA B 225 17.13 17.37 16.67
CA ALA B 225 15.75 17.73 16.32
C ALA B 225 14.79 16.59 16.63
N SER B 226 15.19 15.36 16.29
CA SER B 226 14.35 14.19 16.57
C SER B 226 14.06 14.05 18.06
N VAL B 227 15.10 14.19 18.89
CA VAL B 227 14.92 14.15 20.34
C VAL B 227 13.86 15.16 20.76
N GLY B 228 13.94 16.39 20.23
CA GLY B 228 12.93 17.38 20.56
C GLY B 228 11.55 16.99 20.07
N MET B 229 11.48 16.29 18.95
CA MET B 229 10.18 15.92 18.41
C MET B 229 9.53 14.83 19.25
N HIS B 230 10.33 13.94 19.84
CA HIS B 230 9.77 12.93 20.73
C HIS B 230 9.33 13.56 22.04
N ILE B 231 10.01 14.63 22.47
CA ILE B 231 9.52 15.42 23.60
C ILE B 231 8.15 15.99 23.28
N LEU B 232 7.96 16.45 22.05
CA LEU B 232 6.68 17.04 21.69
C LEU B 232 5.59 16.00 21.44
N SER B 233 5.94 14.84 20.90
CA SER B 233 4.91 13.95 20.37
C SER B 233 4.29 13.12 21.49
N PRO B 234 2.97 13.17 21.68
CA PRO B 234 2.34 12.38 22.76
C PRO B 234 2.67 10.90 22.66
N GLY B 235 2.72 10.37 21.44
CA GLY B 235 2.97 8.95 21.25
C GLY B 235 4.39 8.51 21.59
N SER B 236 5.29 9.45 21.84
CA SER B 236 6.68 9.11 22.19
C SER B 236 7.01 9.34 23.65
N ARG B 237 6.23 10.14 24.37
CA ARG B 237 6.68 10.72 25.63
C ARG B 237 6.96 9.67 26.70
N ASP B 238 6.26 8.54 26.67
CA ASP B 238 6.43 7.56 27.74
C ASP B 238 7.54 6.56 27.47
N LEU B 239 8.30 6.72 26.38
CA LEU B 239 9.36 5.77 26.03
C LEU B 239 10.75 6.27 26.40
N PHE B 240 10.86 7.34 27.16
CA PHE B 240 12.15 7.80 27.66
C PHE B 240 11.90 8.72 28.86
N ARG B 241 12.96 8.91 29.64
CA ARG B 241 12.91 9.69 30.88
C ARG B 241 13.39 11.13 30.70
N ARG B 242 14.51 11.34 29.99
CA ARG B 242 15.18 12.63 29.86
C ARG B 242 15.82 12.73 28.48
N ALA B 243 16.31 13.93 28.15
CA ALA B 243 16.74 14.18 26.77
C ALA B 243 17.95 15.10 26.70
N ILE B 244 18.83 14.80 25.74
CA ILE B 244 19.96 15.66 25.38
C ILE B 244 19.85 16.02 23.89
N LEU B 245 19.97 17.31 23.58
CA LEU B 245 19.88 17.79 22.21
C LEU B 245 21.19 18.49 21.86
N GLN B 246 21.88 17.99 20.83
CA GLN B 246 23.17 18.55 20.41
C GLN B 246 23.02 19.21 19.04
N SER B 247 23.12 20.54 18.99
CA SER B 247 23.15 21.27 17.71
C SER B 247 21.92 20.94 16.86
N GLY B 248 20.75 20.95 17.49
CA GLY B 248 19.52 20.71 16.78
C GLY B 248 18.35 20.84 17.71
N SER B 249 17.20 21.24 17.17
CA SER B 249 16.00 21.41 17.96
C SER B 249 14.82 21.23 17.03
N PRO B 250 13.64 20.89 17.55
CA PRO B 250 12.53 20.48 16.67
C PRO B 250 12.02 21.59 15.79
N ASN B 251 12.17 22.85 16.23
CA ASN B 251 11.70 24.01 15.51
C ASN B 251 12.71 24.57 14.51
N CYS B 252 13.84 23.89 14.30
CA CYS B 252 14.80 24.38 13.29
C CYS B 252 14.13 24.55 11.93
N PRO B 253 14.56 25.54 11.13
CA PRO B 253 13.84 25.83 9.89
C PRO B 253 13.99 24.74 8.84
N TRP B 254 15.04 23.92 8.93
CA TRP B 254 15.28 22.80 8.03
C TRP B 254 14.61 21.51 8.50
N ALA B 255 14.06 21.47 9.72
CA ALA B 255 13.72 20.20 10.35
C ALA B 255 12.29 19.75 10.11
N SER B 256 11.42 20.56 9.52
CA SER B 256 10.08 20.08 9.20
C SER B 256 9.51 20.91 8.07
N VAL B 257 8.46 20.39 7.45
CA VAL B 257 7.69 21.10 6.42
C VAL B 257 6.21 20.90 6.72
N SER B 258 5.39 21.72 6.06
CA SER B 258 3.94 21.54 6.13
C SER B 258 3.51 20.37 5.27
N VAL B 259 2.28 19.89 5.52
CA VAL B 259 1.78 18.76 4.72
C VAL B 259 1.66 19.16 3.28
N ALA B 260 1.34 20.43 3.00
CA ALA B 260 1.28 20.88 1.63
C ALA B 260 2.65 20.84 0.96
N GLU B 261 3.70 21.29 1.66
CA GLU B 261 5.03 21.29 1.06
C GLU B 261 5.57 19.88 0.93
N GLY B 262 5.30 19.02 1.91
CA GLY B 262 5.71 17.63 1.77
C GLY B 262 5.08 16.96 0.57
N ARG B 263 3.79 17.24 0.34
CA ARG B 263 3.11 16.68 -0.83
C ARG B 263 3.67 17.26 -2.12
N ARG B 264 4.01 18.55 -2.11
CA ARG B 264 4.62 19.15 -3.30
C ARG B 264 5.94 18.46 -3.65
N ARG B 265 6.75 18.16 -2.64
CA ARG B 265 8.04 17.56 -2.92
C ARG B 265 7.89 16.10 -3.33
N ALA B 266 6.89 15.40 -2.78
CA ALA B 266 6.66 14.02 -3.17
C ALA B 266 6.20 13.93 -4.62
N VAL B 267 5.26 14.79 -5.00
CA VAL B 267 4.83 14.86 -6.38
C VAL B 267 6.00 15.22 -7.29
N GLU B 268 6.83 16.18 -6.86
CA GLU B 268 7.95 16.60 -7.70
C GLU B 268 8.98 15.49 -7.84
N LEU B 269 9.16 14.69 -6.80
CA LEU B 269 10.01 13.51 -6.94
C LEU B 269 9.45 12.56 -8.00
N GLY B 270 8.14 12.32 -7.98
CA GLY B 270 7.51 11.55 -9.04
C GLY B 270 7.70 12.17 -10.41
N ARG B 271 7.57 13.49 -10.51
CA ARG B 271 7.76 14.16 -11.80
C ARG B 271 9.19 13.93 -12.32
N ASN B 272 10.18 14.03 -11.44
CA ASN B 272 11.56 13.79 -11.87
C ASN B 272 11.78 12.37 -12.39
N LEU B 273 10.93 11.43 -12.00
CA LEU B 273 11.11 10.03 -12.36
C LEU B 273 10.01 9.54 -13.30
N ASN B 274 9.35 10.44 -14.02
CA ASN B 274 8.34 10.11 -15.03
C ASN B 274 7.22 9.25 -14.44
N CYS B 275 6.76 9.60 -13.25
CA CYS B 275 5.73 8.82 -12.57
C CYS B 275 4.33 9.31 -12.92
N ASN B 276 3.38 8.38 -12.91
CA ASN B 276 1.97 8.75 -12.92
C ASN B 276 1.66 9.60 -11.70
N LEU B 277 1.07 10.78 -11.90
CA LEU B 277 0.83 11.72 -10.82
C LEU B 277 -0.65 11.94 -10.52
N ASN B 278 -1.54 11.10 -11.05
CA ASN B 278 -2.98 11.33 -10.91
C ASN B 278 -3.48 11.08 -9.51
N SER B 279 -2.86 10.16 -8.77
CA SER B 279 -3.35 9.84 -7.44
C SER B 279 -2.17 9.41 -6.57
N ASP B 280 -2.37 9.51 -5.25
CA ASP B 280 -1.37 9.01 -4.31
C ASP B 280 -1.05 7.54 -4.61
N GLU B 281 -2.09 6.71 -4.76
CA GLU B 281 -1.87 5.29 -4.97
C GLU B 281 -1.03 5.03 -6.22
N GLU B 282 -1.31 5.76 -7.30
CA GLU B 282 -0.53 5.57 -8.53
C GLU B 282 0.87 6.13 -8.39
N LEU B 283 1.02 7.29 -7.74
CA LEU B 283 2.34 7.86 -7.54
C LEU B 283 3.19 6.94 -6.67
N ILE B 284 2.63 6.48 -5.55
CA ILE B 284 3.35 5.58 -4.65
C ILE B 284 3.69 4.29 -5.35
N HIS B 285 2.76 3.74 -6.13
CA HIS B 285 3.07 2.49 -6.83
C HIS B 285 4.24 2.67 -7.78
N CYS B 286 4.30 3.81 -8.48
CA CYS B 286 5.44 4.10 -9.35
C CYS B 286 6.73 4.19 -8.55
N LEU B 287 6.70 4.93 -7.44
CA LEU B 287 7.91 5.15 -6.64
C LEU B 287 8.41 3.86 -6.00
N ARG B 288 7.51 2.94 -5.66
CA ARG B 288 7.94 1.67 -5.08
C ARG B 288 8.61 0.75 -6.09
N GLU B 289 8.47 1.02 -7.40
CA GLU B 289 9.13 0.18 -8.41
C GLU B 289 10.54 0.66 -8.73
N LYS B 290 10.87 1.90 -8.38
CA LYS B 290 12.21 2.40 -8.65
C LYS B 290 13.22 1.76 -7.71
N LYS B 291 14.44 1.63 -8.21
CA LYS B 291 15.56 1.22 -7.38
CA LYS B 291 15.54 1.22 -7.36
C LYS B 291 15.91 2.35 -6.41
N PRO B 292 16.43 2.02 -5.21
CA PRO B 292 16.76 3.07 -4.24
C PRO B 292 17.59 4.22 -4.80
N GLN B 293 18.65 3.90 -5.54
CA GLN B 293 19.52 4.95 -6.06
C GLN B 293 18.81 5.87 -7.04
N GLU B 294 17.76 5.37 -7.71
CA GLU B 294 17.02 6.22 -8.64
C GLU B 294 16.33 7.36 -7.89
N LEU B 295 15.74 7.06 -6.72
CA LEU B 295 15.15 8.11 -5.90
C LEU B 295 16.23 9.06 -5.38
N ILE B 296 17.33 8.48 -4.89
CA ILE B 296 18.39 9.29 -4.30
C ILE B 296 18.98 10.24 -5.32
N ASP B 297 19.17 9.79 -6.57
CA ASP B 297 19.83 10.61 -7.58
C ASP B 297 19.09 11.91 -7.87
N VAL B 298 17.78 11.98 -7.64
CA VAL B 298 17.01 13.18 -7.92
C VAL B 298 16.52 13.85 -6.64
N GLU B 299 16.93 13.35 -5.48
CA GLU B 299 16.39 13.79 -4.19
C GLU B 299 16.51 15.30 -4.01
N TRP B 300 17.68 15.84 -4.32
CA TRP B 300 17.91 17.27 -4.11
C TRP B 300 17.10 18.15 -5.06
N ASN B 301 16.58 17.56 -6.15
CA ASN B 301 15.90 18.34 -7.18
C ASN B 301 14.56 18.88 -6.72
N VAL B 302 14.01 18.37 -5.61
CA VAL B 302 12.67 18.78 -5.21
C VAL B 302 12.68 19.96 -4.24
N LEU B 303 13.85 20.44 -3.83
CA LEU B 303 13.90 21.62 -2.97
C LEU B 303 13.30 22.82 -3.71
N PRO B 304 12.55 23.68 -3.04
CA PRO B 304 11.90 24.79 -3.73
C PRO B 304 12.83 25.94 -4.06
N PHE B 305 14.00 26.03 -3.43
CA PHE B 305 14.93 27.12 -3.68
C PHE B 305 16.35 26.60 -3.79
N ASP B 306 17.19 27.36 -4.50
CA ASP B 306 18.63 27.25 -4.32
C ASP B 306 18.93 27.64 -2.88
N SER B 307 19.59 26.76 -2.12
CA SER B 307 19.74 27.05 -0.71
C SER B 307 20.89 26.22 -0.15
N ILE B 308 21.26 26.54 1.09
CA ILE B 308 22.10 25.65 1.88
C ILE B 308 21.38 25.36 3.19
N PHE B 309 21.80 24.27 3.84
CA PHE B 309 21.18 23.86 5.11
C PHE B 309 19.67 23.66 4.93
N ARG B 310 19.27 23.11 3.78
CA ARG B 310 17.90 22.65 3.58
C ARG B 310 17.93 21.25 3.00
N PHE B 311 16.96 20.43 3.41
CA PHE B 311 16.95 19.03 3.03
C PHE B 311 15.57 18.67 2.51
N SER B 312 15.54 17.71 1.58
CA SER B 312 14.34 17.49 0.79
C SER B 312 13.23 16.82 1.60
N PHE B 313 13.52 15.68 2.22
CA PHE B 313 12.48 14.89 2.89
C PHE B 313 12.72 14.92 4.39
N VAL B 314 11.84 15.63 5.10
CA VAL B 314 11.98 15.89 6.52
C VAL B 314 10.63 15.65 7.21
N PRO B 315 10.57 15.58 8.54
CA PRO B 315 9.29 15.45 9.23
C PRO B 315 8.23 16.42 8.73
N VAL B 316 6.96 15.98 8.74
CA VAL B 316 5.83 16.83 8.38
C VAL B 316 4.99 17.09 9.62
N ILE B 317 4.47 18.32 9.72
CA ILE B 317 3.54 18.69 10.78
C ILE B 317 2.15 18.17 10.39
N ASP B 318 1.83 16.95 10.81
CA ASP B 318 0.75 16.18 10.20
C ASP B 318 -0.54 16.13 11.00
N GLY B 319 -0.57 16.68 12.21
CA GLY B 319 -1.74 16.55 13.05
C GLY B 319 -1.85 15.21 13.77
N GLU B 320 -0.84 14.35 13.64
CA GLU B 320 -0.87 13.01 14.21
C GLU B 320 0.35 12.78 15.07
N PHE B 321 1.54 12.68 14.47
CA PHE B 321 2.75 12.69 15.27
C PHE B 321 2.90 14.01 16.03
N PHE B 322 2.53 15.10 15.39
CA PHE B 322 2.50 16.42 16.01
C PHE B 322 1.04 16.87 16.03
N PRO B 323 0.38 16.88 17.19
CA PRO B 323 -1.06 17.23 17.20
C PRO B 323 -1.34 18.62 16.64
N THR B 324 -0.51 19.61 16.97
CA THR B 324 -0.67 20.94 16.36
C THR B 324 0.67 21.47 15.90
N SER B 325 0.71 22.75 15.51
CA SER B 325 1.98 23.36 15.15
C SER B 325 2.97 23.25 16.30
N LEU B 326 4.26 23.18 15.96
CA LEU B 326 5.30 23.14 16.99
C LEU B 326 5.20 24.34 17.93
N GLU B 327 4.96 25.54 17.38
CA GLU B 327 4.96 26.72 18.22
C GLU B 327 3.79 26.72 19.21
N SER B 328 2.61 26.29 18.76
CA SER B 328 1.48 26.23 19.69
C SER B 328 1.72 25.21 20.78
N MET B 329 2.28 24.04 20.42
CA MET B 329 2.63 23.05 21.44
C MET B 329 3.64 23.61 22.42
N LEU B 330 4.64 24.35 21.93
CA LEU B 330 5.62 24.94 22.82
C LEU B 330 4.99 26.00 23.71
N ASN B 331 4.07 26.79 23.15
CA ASN B 331 3.43 27.86 23.91
C ASN B 331 2.51 27.32 24.98
N SER B 332 1.77 26.27 24.68
CA SER B 332 0.78 25.74 25.62
C SER B 332 1.37 24.77 26.63
N GLY B 333 2.66 24.43 26.52
CA GLY B 333 3.23 23.40 27.36
C GLY B 333 2.78 21.99 27.03
N ASN B 334 2.29 21.77 25.80
CA ASN B 334 1.87 20.45 25.36
C ASN B 334 3.10 19.67 24.91
N PHE B 335 3.87 19.23 25.90
CA PHE B 335 5.09 18.45 25.64
C PHE B 335 5.49 17.77 26.93
N LYS B 336 6.43 16.84 26.81
CA LYS B 336 6.90 16.09 27.97
C LYS B 336 7.70 17.00 28.91
N LYS B 337 7.31 17.00 30.18
CA LYS B 337 7.93 17.86 31.18
C LYS B 337 8.98 17.04 31.90
N THR B 338 10.25 17.39 31.71
CA THR B 338 11.33 16.59 32.25
C THR B 338 12.57 17.49 32.32
N GLN B 339 13.73 16.89 32.49
CA GLN B 339 15.00 17.61 32.42
C GLN B 339 15.57 17.48 31.02
N ILE B 340 16.18 18.56 30.52
CA ILE B 340 16.89 18.51 29.25
C ILE B 340 18.26 19.12 29.42
N LEU B 341 19.21 18.63 28.62
CA LEU B 341 20.55 19.17 28.53
C LEU B 341 20.83 19.37 27.04
N LEU B 342 21.31 20.55 26.66
CA LEU B 342 21.40 20.83 25.24
C LEU B 342 22.39 21.97 25.00
N GLY B 343 22.80 22.11 23.75
CA GLY B 343 23.73 23.17 23.43
C GLY B 343 24.10 23.14 21.96
N VAL B 344 25.11 23.94 21.63
CA VAL B 344 25.49 24.23 20.26
C VAL B 344 27.00 24.36 20.19
N ASN B 345 27.52 24.45 18.96
CA ASN B 345 28.92 24.66 18.69
C ASN B 345 29.15 26.09 18.18
N LYS B 346 30.39 26.55 18.32
CA LYS B 346 30.71 27.94 17.97
C LYS B 346 30.48 28.24 16.49
N ASP B 347 30.76 27.28 15.60
CA ASP B 347 30.77 27.56 14.16
C ASP B 347 29.93 26.54 13.39
N GLU B 348 28.64 26.50 13.71
CA GLU B 348 27.74 25.51 13.11
C GLU B 348 27.64 25.68 11.59
N GLY B 349 27.82 26.90 11.08
CA GLY B 349 27.55 27.15 9.67
C GLY B 349 28.62 26.74 8.68
N SER B 350 29.87 26.56 9.13
CA SER B 350 30.99 26.58 8.21
C SER B 350 30.96 25.40 7.23
N PHE B 351 30.57 24.22 7.71
CA PHE B 351 30.46 23.05 6.85
C PHE B 351 29.53 23.31 5.66
N PHE B 352 28.37 23.92 5.91
CA PHE B 352 27.40 24.16 4.84
C PHE B 352 27.90 25.18 3.84
N LEU B 353 28.64 26.18 4.31
CA LEU B 353 29.23 27.14 3.38
C LEU B 353 30.27 26.48 2.48
N LEU B 354 31.15 25.67 3.09
CA LEU B 354 32.16 24.95 2.33
C LEU B 354 31.54 24.14 1.20
N TYR B 355 30.43 23.44 1.48
CA TYR B 355 29.84 22.55 0.49
C TYR B 355 28.91 23.26 -0.47
N GLY B 356 28.32 24.40 -0.08
CA GLY B 356 27.30 24.98 -0.93
C GLY B 356 27.41 26.45 -1.32
N ALA B 357 28.41 27.18 -0.81
CA ALA B 357 28.39 28.63 -1.08
C ALA B 357 29.63 29.11 -1.82
N PRO B 358 29.48 30.09 -2.71
CA PRO B 358 30.62 30.54 -3.52
C PRO B 358 31.72 31.18 -2.69
N GLY B 359 32.97 30.86 -3.03
CA GLY B 359 34.11 31.48 -2.42
C GLY B 359 34.77 30.68 -1.31
N PHE B 360 34.15 29.57 -0.88
CA PHE B 360 34.69 28.75 0.20
C PHE B 360 35.45 27.55 -0.36
N SER B 361 36.51 27.19 0.34
CA SER B 361 37.40 26.12 -0.10
CA SER B 361 37.41 26.14 -0.10
C SER B 361 38.03 25.49 1.12
N LYS B 362 38.18 24.17 1.05
CA LYS B 362 38.86 23.41 2.10
C LYS B 362 40.33 23.77 2.18
N ASP B 363 40.92 24.25 1.08
CA ASP B 363 42.36 24.40 0.96
C ASP B 363 42.82 25.85 0.99
N SER B 364 41.96 26.78 1.41
CA SER B 364 42.36 28.17 1.58
C SER B 364 41.62 28.76 2.78
N GLU B 365 42.04 29.97 3.15
CA GLU B 365 41.42 30.74 4.22
C GLU B 365 40.02 31.22 3.86
N SER B 366 39.65 31.15 2.58
CA SER B 366 38.27 31.42 2.14
C SER B 366 37.84 32.85 2.51
N LYS B 367 38.70 33.83 2.22
CA LYS B 367 38.24 35.21 2.29
C LYS B 367 37.18 35.43 1.23
N ILE B 368 36.10 36.07 1.64
CA ILE B 368 34.85 36.12 0.91
C ILE B 368 34.66 37.54 0.41
N SER B 369 34.51 37.70 -0.89
CA SER B 369 34.21 39.00 -1.47
C SER B 369 32.82 39.46 -1.07
N ARG B 370 32.55 40.75 -1.25
CA ARG B 370 31.21 41.24 -0.96
C ARG B 370 30.19 40.65 -1.93
N GLU B 371 30.59 40.40 -3.18
CA GLU B 371 29.67 39.78 -4.12
C GLU B 371 29.30 38.37 -3.66
N ASP B 372 30.28 37.60 -3.18
CA ASP B 372 30.01 36.25 -2.71
C ASP B 372 29.32 36.26 -1.35
N PHE B 373 29.59 37.27 -0.52
CA PHE B 373 28.80 37.46 0.69
C PHE B 373 27.33 37.59 0.36
N MET B 374 26.98 38.51 -0.54
CA MET B 374 25.59 38.72 -0.91
C MET B 374 24.95 37.44 -1.45
N SER B 375 25.65 36.72 -2.32
CA SER B 375 25.09 35.46 -2.80
CA SER B 375 25.13 35.44 -2.80
C SER B 375 24.96 34.46 -1.66
N GLY B 376 25.90 34.47 -0.71
CA GLY B 376 25.81 33.59 0.43
C GLY B 376 24.57 33.83 1.28
N VAL B 377 24.26 35.09 1.59
CA VAL B 377 23.10 35.28 2.47
C VAL B 377 21.82 34.89 1.73
N LYS B 378 21.77 35.08 0.42
CA LYS B 378 20.62 34.63 -0.34
C LYS B 378 20.45 33.11 -0.25
N LEU B 379 21.55 32.36 -0.37
CA LEU B 379 21.49 30.91 -0.21
C LEU B 379 21.14 30.51 1.22
N SER B 380 21.54 31.30 2.20
CA SER B 380 21.36 30.97 3.61
C SER B 380 19.95 31.23 4.11
N VAL B 381 19.29 32.26 3.58
CA VAL B 381 17.94 32.57 4.01
C VAL B 381 17.04 32.47 2.79
N PRO B 382 16.81 31.27 2.25
CA PRO B 382 16.19 31.14 0.94
C PRO B 382 14.77 31.65 0.88
N HIS B 383 14.10 31.72 2.01
CA HIS B 383 12.69 32.10 2.09
C HIS B 383 12.49 33.61 2.25
N ALA B 384 13.56 34.38 2.36
CA ALA B 384 13.45 35.81 2.65
C ALA B 384 13.21 36.62 1.38
N ASN B 385 12.35 37.63 1.50
CA ASN B 385 12.23 38.62 0.44
C ASN B 385 13.43 39.57 0.48
N ASP B 386 13.44 40.53 -0.46
CA ASP B 386 14.58 41.44 -0.58
C ASP B 386 14.75 42.30 0.67
N LEU B 387 13.66 42.73 1.26
CA LEU B 387 13.77 43.50 2.50
C LEU B 387 14.35 42.62 3.61
N GLY B 388 13.97 41.34 3.64
CA GLY B 388 14.53 40.43 4.64
C GLY B 388 16.02 40.21 4.44
N LEU B 389 16.45 39.97 3.20
CA LEU B 389 17.87 39.86 2.91
C LEU B 389 18.63 41.12 3.32
N ASP B 390 18.05 42.30 3.02
CA ASP B 390 18.67 43.55 3.45
C ASP B 390 18.84 43.60 4.96
N ALA B 391 17.82 43.15 5.70
CA ALA B 391 17.91 43.16 7.15
C ALA B 391 19.01 42.24 7.65
N VAL B 392 19.13 41.04 7.05
CA VAL B 392 20.20 40.15 7.43
C VAL B 392 21.55 40.78 7.14
N THR B 393 21.70 41.37 5.94
CA THR B 393 22.99 41.92 5.54
C THR B 393 23.42 43.03 6.48
N LEU B 394 22.49 43.91 6.84
CA LEU B 394 22.79 45.00 7.76
C LEU B 394 23.20 44.48 9.13
N GLN B 395 22.53 43.43 9.61
CA GLN B 395 22.82 42.95 10.96
C GLN B 395 24.21 42.33 11.07
N TYR B 396 24.78 41.85 9.96
CA TYR B 396 26.05 41.13 9.98
C TYR B 396 27.13 41.81 9.15
N THR B 397 26.96 43.06 8.76
CA THR B 397 27.98 43.74 7.98
C THR B 397 28.55 44.89 8.78
N ASP B 398 29.87 44.98 8.83
CA ASP B 398 30.59 46.12 9.39
C ASP B 398 30.79 47.11 8.25
N TRP B 399 29.95 48.15 8.20
CA TRP B 399 30.07 49.09 7.09
C TRP B 399 31.23 50.07 7.23
N MET B 400 32.03 49.97 8.30
CA MET B 400 33.33 50.63 8.31
C MET B 400 34.40 49.84 7.55
N ASP B 401 34.13 48.59 7.19
CA ASP B 401 35.17 47.68 6.75
C ASP B 401 34.53 46.55 5.95
N ASP B 402 33.69 46.92 4.96
CA ASP B 402 32.84 45.96 4.29
C ASP B 402 33.58 45.11 3.25
N ASN B 403 34.79 45.47 2.86
CA ASN B 403 35.57 44.65 1.94
C ASN B 403 36.58 43.78 2.66
N ASN B 404 36.39 43.58 3.96
CA ASN B 404 37.26 42.71 4.74
C ASN B 404 36.79 41.28 4.46
N GLY B 405 37.61 40.50 3.73
CA GLY B 405 37.21 39.15 3.37
C GLY B 405 37.08 38.23 4.56
N ILE B 406 37.82 38.49 5.63
CA ILE B 406 37.72 37.66 6.82
C ILE B 406 36.42 37.95 7.54
N LYS B 407 36.06 39.23 7.69
CA LYS B 407 34.79 39.58 8.31
C LYS B 407 33.62 39.11 7.47
N ASN B 408 33.75 39.15 6.15
CA ASN B 408 32.67 38.67 5.30
C ASN B 408 32.49 37.18 5.46
N ARG B 409 33.61 36.44 5.53
CA ARG B 409 33.56 34.99 5.73
C ARG B 409 32.93 34.63 7.07
N ASP B 410 33.40 35.26 8.15
CA ASP B 410 32.89 34.93 9.48
C ASP B 410 31.45 35.41 9.65
N GLY B 411 31.08 36.50 9.00
CA GLY B 411 29.71 36.98 9.08
C GLY B 411 28.75 35.99 8.43
N LEU B 412 29.10 35.51 7.24
CA LEU B 412 28.33 34.45 6.61
C LEU B 412 28.26 33.21 7.50
N ASP B 413 29.39 32.82 8.09
CA ASP B 413 29.43 31.67 9.00
C ASP B 413 28.44 31.85 10.13
N ASP B 414 28.44 33.04 10.76
CA ASP B 414 27.53 33.31 11.86
C ASP B 414 26.08 33.30 11.40
N ILE B 415 25.79 33.88 10.23
CA ILE B 415 24.42 33.88 9.71
C ILE B 415 23.90 32.46 9.63
N VAL B 416 24.67 31.57 8.99
CA VAL B 416 24.21 30.21 8.79
C VAL B 416 23.99 29.51 10.13
N GLY B 417 24.97 29.61 11.03
CA GLY B 417 24.85 28.92 12.31
C GLY B 417 23.76 29.52 13.19
N ASP B 418 23.63 30.85 13.21
CA ASP B 418 22.62 31.49 14.04
C ASP B 418 21.22 31.16 13.56
N HIS B 419 20.98 31.29 12.25
CA HIS B 419 19.64 31.10 11.71
C HIS B 419 19.23 29.64 11.78
N ASN B 420 20.16 28.71 11.54
CA ASN B 420 19.78 27.31 11.41
C ASN B 420 19.91 26.49 12.68
N VAL B 421 20.76 26.90 13.62
CA VAL B 421 21.01 26.07 14.81
C VAL B 421 20.85 26.85 16.10
N ILE B 422 21.66 27.88 16.28
CA ILE B 422 21.75 28.51 17.60
C ILE B 422 20.43 29.19 17.97
N CYS B 423 19.95 30.07 17.12
CA CYS B 423 18.74 30.79 17.54
C CYS B 423 17.49 29.90 17.61
N PRO B 424 17.29 28.94 16.70
CA PRO B 424 16.16 28.02 16.91
C PRO B 424 16.27 27.29 18.23
N LEU B 425 17.48 26.88 18.59
CA LEU B 425 17.66 26.18 19.86
C LEU B 425 17.39 27.12 21.04
N MET B 426 17.77 28.40 20.93
CA MET B 426 17.49 29.31 22.04
C MET B 426 16.00 29.59 22.17
N HIS B 427 15.28 29.60 21.05
CA HIS B 427 13.83 29.73 21.14
C HIS B 427 13.23 28.52 21.84
N PHE B 428 13.71 27.33 21.49
CA PHE B 428 13.20 26.11 22.13
C PHE B 428 13.51 26.13 23.63
N VAL B 429 14.75 26.47 23.98
CA VAL B 429 15.15 26.38 25.38
C VAL B 429 14.34 27.36 26.23
N ASN B 430 14.07 28.55 25.69
CA ASN B 430 13.28 29.52 26.43
C ASN B 430 11.83 29.07 26.56
N LYS B 431 11.25 28.49 25.50
CA LYS B 431 9.89 27.98 25.61
C LYS B 431 9.82 26.78 26.55
N TYR B 432 10.79 25.86 26.46
CA TYR B 432 10.72 24.63 27.24
C TYR B 432 10.87 24.91 28.74
N THR B 433 11.86 25.73 29.09
CA THR B 433 12.19 26.03 30.48
C THR B 433 11.01 26.61 31.25
N LYS B 434 10.04 27.22 30.56
CA LYS B 434 8.86 27.75 31.21
C LYS B 434 8.05 26.66 31.89
N PHE B 435 8.02 25.46 31.30
CA PHE B 435 7.24 24.34 31.82
C PHE B 435 8.08 23.17 32.29
N GLY B 436 9.32 23.04 31.82
CA GLY B 436 10.11 21.87 32.12
C GLY B 436 10.54 21.80 33.58
N ASN B 437 11.33 20.76 33.86
CA ASN B 437 11.78 20.47 35.23
C ASN B 437 13.28 20.61 35.37
N GLY B 438 13.93 21.36 34.49
CA GLY B 438 15.38 21.48 34.56
C GLY B 438 16.08 21.57 33.23
N THR B 439 16.75 22.69 32.97
CA THR B 439 17.44 22.91 31.70
C THR B 439 18.91 23.18 31.99
N TYR B 440 19.78 22.53 31.24
CA TYR B 440 21.21 22.82 31.26
C TYR B 440 21.66 23.09 29.85
N LEU B 441 22.31 24.23 29.65
CA LEU B 441 22.69 24.74 28.34
C LEU B 441 24.21 24.85 28.26
N TYR B 442 24.79 24.41 27.13
CA TYR B 442 26.22 24.49 26.92
C TYR B 442 26.52 25.18 25.58
N PHE B 443 27.75 25.66 25.47
CA PHE B 443 28.29 26.28 24.26
C PHE B 443 29.65 25.62 24.06
N PHE B 444 29.77 24.79 23.03
CA PHE B 444 30.98 24.00 22.82
C PHE B 444 31.85 24.78 21.84
N ASN B 445 32.99 25.28 22.32
CA ASN B 445 33.80 26.12 21.44
C ASN B 445 35.26 25.70 21.42
N HIS B 446 35.52 24.40 21.59
CA HIS B 446 36.87 23.89 21.48
C HIS B 446 37.13 23.36 20.08
N ARG B 447 38.24 23.77 19.50
CA ARG B 447 38.70 23.29 18.20
C ARG B 447 39.72 22.18 18.43
N ALA B 448 39.44 20.97 17.93
CA ALA B 448 40.32 19.84 18.18
C ALA B 448 41.72 20.11 17.63
N SER B 449 42.73 19.71 18.40
CA SER B 449 44.12 19.91 17.98
C SER B 449 44.45 19.15 16.71
N ASN B 450 43.83 17.99 16.49
CA ASN B 450 44.12 17.15 15.34
C ASN B 450 43.10 17.34 14.23
N LEU B 451 42.36 18.45 14.24
CA LEU B 451 41.30 18.64 13.27
C LEU B 451 41.87 18.67 11.87
N VAL B 452 41.16 18.00 10.98
CA VAL B 452 41.61 17.80 9.61
C VAL B 452 41.14 18.91 8.69
N TRP B 453 40.14 19.69 9.10
CA TRP B 453 39.56 20.77 8.32
C TRP B 453 40.29 22.08 8.62
N PRO B 454 40.23 23.06 7.71
CA PRO B 454 41.03 24.29 7.89
C PRO B 454 40.54 25.16 9.03
N GLU B 455 41.44 26.06 9.46
CA GLU B 455 41.16 26.89 10.64
C GLU B 455 39.92 27.75 10.49
N TRP B 456 39.62 28.21 9.28
CA TRP B 456 38.52 29.16 9.13
C TRP B 456 37.19 28.54 9.51
N MET B 457 37.07 27.21 9.41
CA MET B 457 35.81 26.57 9.73
C MET B 457 35.55 26.46 11.22
N GLY B 458 36.57 26.68 12.06
CA GLY B 458 36.32 26.84 13.48
C GLY B 458 35.86 25.55 14.13
N VAL B 459 34.80 25.65 14.91
CA VAL B 459 34.27 24.54 15.71
C VAL B 459 33.03 24.04 14.98
N ILE B 460 33.19 22.97 14.24
CA ILE B 460 32.31 22.59 13.13
C ILE B 460 31.10 21.82 13.64
N HIS B 461 29.97 21.99 12.92
CA HIS B 461 28.79 21.17 13.07
C HIS B 461 29.18 19.69 13.00
N GLY B 462 28.98 18.97 14.11
CA GLY B 462 29.27 17.56 14.21
C GLY B 462 30.47 17.22 15.07
N TYR B 463 31.34 18.20 15.37
CA TYR B 463 32.66 17.88 15.91
C TYR B 463 32.72 17.94 17.42
N GLU B 464 31.58 18.17 18.07
CA GLU B 464 31.53 17.83 19.49
C GLU B 464 31.28 16.33 19.71
N ILE B 465 30.75 15.62 18.71
CA ILE B 465 30.35 14.23 18.92
C ILE B 465 31.53 13.38 19.37
N GLU B 466 32.69 13.54 18.73
CA GLU B 466 33.84 12.73 19.11
C GLU B 466 34.22 12.90 20.58
N PHE B 467 33.96 14.08 21.17
CA PHE B 467 34.21 14.26 22.59
C PHE B 467 33.14 13.58 23.44
N VAL B 468 31.89 13.64 22.99
CA VAL B 468 30.80 12.99 23.72
C VAL B 468 31.01 11.48 23.78
N PHE B 469 31.59 10.89 22.74
CA PHE B 469 31.73 9.45 22.65
C PHE B 469 33.10 8.96 23.11
N GLY B 470 33.96 9.85 23.61
CA GLY B 470 35.18 9.44 24.26
C GLY B 470 36.34 9.13 23.34
N LEU B 471 36.28 9.50 22.07
CA LEU B 471 37.40 9.24 21.19
C LEU B 471 38.72 9.85 21.66
N PRO B 472 38.77 11.03 22.30
CA PRO B 472 40.04 11.51 22.85
C PRO B 472 40.71 10.56 23.83
N LEU B 473 39.98 9.62 24.43
CA LEU B 473 40.60 8.64 25.32
C LEU B 473 41.44 7.62 24.56
N VAL B 474 41.40 7.60 23.24
CA VAL B 474 42.13 6.63 22.43
C VAL B 474 43.46 7.25 22.04
N LYS B 475 44.55 6.75 22.64
CA LYS B 475 45.85 7.36 22.45
C LYS B 475 46.25 7.43 20.99
N GLU B 476 45.91 6.41 20.20
CA GLU B 476 46.32 6.40 18.80
C GLU B 476 45.66 7.50 17.98
N LEU B 477 44.62 8.16 18.48
CA LEU B 477 43.96 9.21 17.73
C LEU B 477 44.62 10.57 17.92
N ASN B 478 45.57 10.69 18.86
CA ASN B 478 46.48 11.83 18.96
C ASN B 478 45.75 13.12 19.36
N TYR B 479 44.79 13.01 20.27
CA TYR B 479 44.31 14.18 20.97
C TYR B 479 45.29 14.54 22.07
N THR B 480 45.24 15.79 22.52
CA THR B 480 46.09 16.21 23.62
C THR B 480 45.56 15.65 24.94
N ALA B 481 46.43 15.69 25.96
CA ALA B 481 46.00 15.28 27.29
C ALA B 481 44.85 16.14 27.79
N GLU B 482 44.87 17.43 27.46
CA GLU B 482 43.79 18.32 27.87
C GLU B 482 42.47 17.92 27.21
N GLU B 483 42.55 17.46 25.95
CA GLU B 483 41.34 17.05 25.25
C GLU B 483 40.78 15.74 25.81
N GLU B 484 41.65 14.83 26.27
CA GLU B 484 41.13 13.65 26.94
C GLU B 484 40.37 14.03 28.21
N ALA B 485 40.89 15.01 28.96
CA ALA B 485 40.19 15.42 30.17
C ALA B 485 38.86 16.07 29.84
N LEU B 486 38.82 16.89 28.79
CA LEU B 486 37.56 17.51 28.36
C LEU B 486 36.53 16.46 27.98
N SER B 487 36.95 15.44 27.24
CA SER B 487 36.03 14.36 26.86
C SER B 487 35.51 13.61 28.09
N ARG B 488 36.41 13.29 29.04
CA ARG B 488 35.96 12.61 30.24
C ARG B 488 35.00 13.49 31.04
N ARG B 489 35.25 14.80 31.06
CA ARG B 489 34.33 15.69 31.75
C ARG B 489 32.98 15.72 31.03
N ILE B 490 33.01 15.73 29.70
CA ILE B 490 31.77 15.79 28.93
C ILE B 490 31.00 14.49 29.09
N MET B 491 31.69 13.35 28.91
CA MET B 491 31.04 12.06 29.14
C MET B 491 30.43 11.99 30.54
N HIS B 492 31.15 12.48 31.55
CA HIS B 492 30.61 12.42 32.90
C HIS B 492 29.41 13.34 33.08
N TYR B 493 29.46 14.56 32.51
CA TYR B 493 28.28 15.41 32.52
C TYR B 493 27.10 14.70 31.87
N TRP B 494 27.32 14.10 30.69
CA TRP B 494 26.21 13.54 29.94
C TRP B 494 25.58 12.38 30.71
N ALA B 495 26.42 11.49 31.22
CA ALA B 495 25.91 10.27 31.87
C ALA B 495 25.37 10.58 33.26
N THR B 496 26.02 11.49 33.99
CA THR B 496 25.47 11.89 35.28
C THR B 496 24.11 12.57 35.10
N PHE B 497 23.98 13.42 34.08
CA PHE B 497 22.67 13.96 33.75
C PHE B 497 21.68 12.85 33.43
N ALA B 498 22.09 11.88 32.61
CA ALA B 498 21.20 10.78 32.26
C ALA B 498 20.75 10.02 33.52
N LYS B 499 21.67 9.79 34.45
CA LYS B 499 21.33 9.05 35.68
C LYS B 499 20.41 9.83 36.62
N THR B 500 20.58 11.16 36.70
CA THR B 500 19.98 11.94 37.79
C THR B 500 19.17 13.15 37.36
N GLY B 501 19.27 13.60 36.11
CA GLY B 501 18.62 14.84 35.72
C GLY B 501 19.43 16.07 36.04
N ASN B 502 20.67 15.91 36.44
CA ASN B 502 21.60 16.96 36.84
C ASN B 502 23.00 16.56 36.40
N PRO B 503 23.66 17.34 35.54
CA PRO B 503 25.01 16.96 35.10
C PRO B 503 26.05 17.00 36.22
N ASN B 504 25.75 17.66 37.34
CA ASN B 504 26.73 17.84 38.41
C ASN B 504 26.65 16.70 39.43
N GLU B 505 27.82 16.27 39.89
CA GLU B 505 27.82 15.34 41.01
C GLU B 505 27.59 16.11 42.30
N PRO B 506 26.76 15.58 43.21
CA PRO B 506 26.25 16.41 44.32
C PRO B 506 27.33 17.10 45.15
N HIS B 507 27.99 16.36 46.03
CA HIS B 507 29.03 16.93 46.87
C HIS B 507 30.39 16.92 46.18
N SER B 508 30.43 17.06 44.86
CA SER B 508 31.68 17.25 44.16
C SER B 508 32.30 18.60 44.56
N GLN B 509 33.61 18.71 44.35
CA GLN B 509 34.33 19.94 44.62
C GLN B 509 34.59 20.75 43.35
N GLU B 510 34.23 20.21 42.19
CA GLU B 510 34.42 20.92 40.93
C GLU B 510 33.33 21.99 40.76
N SER B 511 33.62 22.95 39.88
CA SER B 511 32.68 24.04 39.59
C SER B 511 31.39 23.49 39.00
N LYS B 512 30.28 24.13 39.34
CA LYS B 512 28.95 23.59 39.04
C LYS B 512 28.35 24.24 37.81
N TRP B 513 27.83 23.41 36.92
CA TRP B 513 27.02 23.78 35.77
C TRP B 513 25.66 24.25 36.25
N PRO B 514 25.35 25.54 36.19
CA PRO B 514 24.08 26.01 36.75
C PRO B 514 22.91 25.68 35.86
N LEU B 515 21.75 25.47 36.50
CA LEU B 515 20.47 25.44 35.79
C LEU B 515 20.29 26.70 34.97
N PHE B 516 19.90 26.51 33.71
CA PHE B 516 19.41 27.61 32.89
C PHE B 516 18.01 27.98 33.38
N THR B 517 17.82 29.23 33.74
CA THR B 517 16.53 29.72 34.22
C THR B 517 16.02 30.80 33.30
N THR B 518 14.70 30.91 33.22
CA THR B 518 14.08 32.00 32.45
C THR B 518 14.71 33.34 32.79
N LYS B 519 14.98 33.59 34.07
CA LYS B 519 15.42 34.92 34.49
C LYS B 519 16.91 35.14 34.23
N GLU B 520 17.76 34.22 34.67
CA GLU B 520 19.21 34.43 34.57
C GLU B 520 19.86 33.84 33.33
N GLN B 521 19.23 32.85 32.68
CA GLN B 521 19.63 32.36 31.36
C GLN B 521 21.11 31.97 31.31
N LYS B 522 21.56 31.26 32.34
CA LYS B 522 22.95 30.87 32.45
C LYS B 522 23.29 29.66 31.57
N PHE B 523 24.52 29.66 31.07
CA PHE B 523 25.03 28.53 30.31
C PHE B 523 26.53 28.47 30.58
N ILE B 524 27.15 27.36 30.19
CA ILE B 524 28.59 27.20 30.35
C ILE B 524 29.23 27.01 28.99
N ASP B 525 30.50 27.42 28.89
CA ASP B 525 31.37 27.00 27.80
C ASP B 525 31.87 25.59 28.08
N LEU B 526 32.02 24.79 27.03
CA LEU B 526 32.68 23.50 27.11
C LEU B 526 33.97 23.58 26.28
N ASN B 527 35.10 23.66 26.97
CA ASN B 527 36.40 23.70 26.32
C ASN B 527 37.43 23.20 27.33
N THR B 528 38.71 23.38 27.01
CA THR B 528 39.79 22.85 27.85
C THR B 528 40.08 23.74 29.05
N GLU B 529 39.56 24.96 29.08
CA GLU B 529 39.82 25.87 30.19
C GLU B 529 38.85 25.60 31.33
N PRO B 530 39.14 26.10 32.53
CA PRO B 530 38.19 25.93 33.63
C PRO B 530 36.84 26.52 33.27
N MET B 531 35.78 25.82 33.69
CA MET B 531 34.43 26.16 33.27
C MET B 531 34.07 27.59 33.67
N LYS B 532 33.52 28.36 32.74
CA LYS B 532 33.00 29.69 32.99
C LYS B 532 31.50 29.72 32.72
N VAL B 533 30.78 30.46 33.54
CA VAL B 533 29.34 30.68 33.39
C VAL B 533 29.12 31.99 32.66
N HIS B 534 28.19 31.98 31.70
CA HIS B 534 27.78 33.18 30.98
C HIS B 534 26.27 33.26 31.00
N GLN B 535 25.73 34.34 30.47
CA GLN B 535 24.30 34.52 30.38
C GLN B 535 23.92 34.96 28.97
N ARG B 536 22.72 34.56 28.55
CA ARG B 536 22.09 35.06 27.32
C ARG B 536 22.95 34.75 26.09
N LEU B 537 22.98 33.46 25.76
CA LEU B 537 23.73 32.98 24.59
C LEU B 537 23.21 33.65 23.32
N ARG B 538 24.12 34.36 22.64
CA ARG B 538 23.88 35.07 21.38
C ARG B 538 22.52 35.76 21.36
N VAL B 539 22.26 36.50 22.45
CA VAL B 539 20.93 37.07 22.65
C VAL B 539 20.63 38.11 21.58
N GLN B 540 21.63 38.90 21.19
CA GLN B 540 21.37 40.01 20.27
C GLN B 540 20.96 39.47 18.90
N MET B 541 21.76 38.56 18.36
CA MET B 541 21.39 38.01 17.06
CA MET B 541 21.45 37.93 17.08
C MET B 541 20.11 37.18 17.14
N CYS B 542 19.84 36.53 18.27
CA CYS B 542 18.63 35.73 18.32
C CYS B 542 17.36 36.56 18.55
N VAL B 543 17.45 37.76 19.11
CA VAL B 543 16.32 38.66 18.98
C VAL B 543 16.02 38.91 17.50
N PHE B 544 17.07 39.12 16.70
CA PHE B 544 16.87 39.36 15.27
C PHE B 544 16.22 38.16 14.60
N TRP B 545 16.79 36.96 14.77
CA TRP B 545 16.27 35.79 14.07
C TRP B 545 14.94 35.31 14.65
N ASN B 546 14.77 35.41 15.97
CA ASN B 546 13.57 34.85 16.61
C ASN B 546 12.41 35.83 16.70
N GLN B 547 12.65 37.14 16.75
CA GLN B 547 11.53 38.09 16.85
C GLN B 547 11.45 39.02 15.66
N PHE B 548 12.51 39.75 15.31
CA PHE B 548 12.36 40.81 14.33
C PHE B 548 12.17 40.26 12.92
N LEU B 549 13.10 39.43 12.45
CA LEU B 549 12.98 38.95 11.08
C LEU B 549 11.67 38.21 10.83
N PRO B 550 11.20 37.31 11.69
CA PRO B 550 9.89 36.68 11.42
C PRO B 550 8.77 37.70 11.33
N LYS B 551 8.80 38.73 12.18
CA LYS B 551 7.79 39.77 12.10
C LYS B 551 7.90 40.55 10.80
N LEU B 552 9.13 40.82 10.34
CA LEU B 552 9.31 41.50 9.06
C LEU B 552 8.79 40.65 7.91
N LEU B 553 9.14 39.36 7.90
CA LEU B 553 8.71 38.50 6.79
C LEU B 553 7.19 38.34 6.79
N ASN B 554 6.58 38.22 7.97
CA ASN B 554 5.13 38.11 8.03
C ASN B 554 4.44 39.39 7.62
N ALA B 555 5.10 40.54 7.73
CA ALA B 555 4.47 41.81 7.42
C ALA B 555 4.68 42.26 5.99
N THR B 556 5.60 41.66 5.25
CA THR B 556 5.96 42.19 3.93
C THR B 556 5.84 41.16 2.80
CAK 8U5 C . -15.29 -15.11 -19.52
CAL 8U5 C . -15.47 -13.70 -19.13
CAM 8U5 C . -14.26 -13.06 -18.56
CBP 8U5 C . -16.58 -13.01 -19.45
CAQ 8U5 C . -16.78 -13.14 -20.84
CAR 8U5 C . -17.83 -12.43 -21.44
CAP 8U5 C . -16.00 -14.06 -21.65
CAJ 8U5 C . -14.80 -14.74 -20.92
CAH 8U5 C . -13.70 -13.84 -20.86
CAG 8U5 C . -13.43 -13.00 -19.74
NAN 8U5 C . -12.38 -12.18 -19.81
CAF 8U5 C . -11.57 -12.08 -20.88
CAA 8U5 C . -10.50 -11.17 -20.82
CAB 8U5 C . -9.63 -11.04 -21.90
CL 8U5 C . -8.31 -9.88 -21.83
CAC 8U5 C . -9.81 -11.82 -23.04
CAD 8U5 C . -10.86 -12.71 -23.09
CAE 8U5 C . -11.77 -12.86 -22.02
CAI 8U5 C . -12.86 -13.74 -21.98
NAT 8U5 C . -13.21 -14.58 -22.96
CAS 8U5 C . -12.80 -14.68 -24.35
CAU 8U5 C . -13.41 -13.58 -25.16
CAV 8U5 C . -14.07 -14.27 -26.32
CAW 8U5 C . -13.98 -13.38 -27.52
CBO 8U5 C . -15.24 -13.39 -28.38
CBN 8U5 C . -15.15 -12.48 -29.60
CBM 8U5 C . -16.55 -12.08 -30.00
CBL 8U5 C . -16.49 -11.38 -31.36
CBK 8U5 C . -17.14 -12.30 -32.39
CAX 8U5 C . -17.60 -11.49 -33.60
OAY 8U5 C . -17.17 -11.75 -34.72
NAZ 8U5 C . -18.48 -10.52 -33.35
CBA 8U5 C . -19.00 -9.70 -34.46
CBB 8U5 C . -19.85 -8.69 -34.00
CBC 8U5 C . -20.84 -8.21 -34.84
CBG 8U5 C . -19.70 -8.19 -32.70
CBF 8U5 C . -20.55 -7.19 -32.24
CBE 8U5 C . -21.55 -6.70 -33.09
OBH 8U5 C . -22.43 -5.72 -32.72
CBD 8U5 C . -21.70 -7.21 -34.38
OBI 8U5 C . -22.69 -6.66 -35.13
CBJ 8U5 C . -23.61 -7.68 -35.57
C1 NAG D . -12.52 -44.53 -14.97
C2 NAG D . -11.87 -45.90 -15.11
C3 NAG D . -10.38 -45.81 -14.77
C4 NAG D . -9.71 -44.75 -15.63
C5 NAG D . -10.44 -43.42 -15.51
C6 NAG D . -9.92 -42.38 -16.46
C7 NAG D . -13.44 -47.77 -14.76
C8 NAG D . -13.77 -47.65 -16.22
N2 NAG D . -12.53 -46.90 -14.28
O3 NAG D . -9.77 -47.07 -14.99
O4 NAG D . -8.35 -44.59 -15.25
O5 NAG D . -11.84 -43.59 -15.81
O6 NAG D . -9.72 -42.91 -17.77
O7 NAG D . -13.98 -48.60 -14.04
C1 NAG E . -30.43 -10.04 9.55
C2 NAG E . -30.25 -8.70 10.24
C3 NAG E . -30.31 -8.85 11.76
C4 NAG E . -31.58 -9.60 12.16
C5 NAG E . -31.62 -10.94 11.43
C6 NAG E . -32.85 -11.76 11.75
C7 NAG E . -28.90 -7.21 8.85
C8 NAG E . -27.52 -6.67 8.57
N2 NAG E . -28.99 -8.09 9.85
O3 NAG E . -30.29 -7.57 12.36
O4 NAG E . -31.62 -9.80 13.58
O5 NAG E . -31.63 -10.68 10.02
O6 NAG E . -34.00 -10.93 11.91
O7 NAG E . -29.88 -6.84 8.20
C1 NAG F . 8.88 -18.95 -13.60
C2 NAG F . 8.49 -19.55 -14.96
C3 NAG F . 9.53 -20.57 -15.42
C4 NAG F . 10.92 -19.97 -15.38
C5 NAG F . 11.22 -19.42 -13.98
C6 NAG F . 12.57 -18.76 -13.86
C7 NAG F . 6.22 -19.92 -15.83
C8 NAG F . 4.91 -20.63 -15.63
N2 NAG F . 7.17 -20.15 -14.91
O3 NAG F . 9.22 -21.02 -16.74
O4 NAG F . 11.90 -20.93 -15.73
O5 NAG F . 10.23 -18.43 -13.64
O6 NAG F . 12.47 -17.53 -13.17
O7 NAG F . 6.41 -19.17 -16.78
C1 NAG G . -36.80 -34.79 -36.04
C2 NAG G . -35.84 -33.76 -35.39
C3 NAG G . -36.57 -32.87 -34.38
C4 NAG G . -37.84 -32.28 -34.98
C5 NAG G . -38.70 -33.45 -35.47
C6 NAG G . -40.05 -33.05 -36.03
C7 NAG G . -33.45 -34.29 -35.02
C8 NAG G . -32.49 -35.14 -34.25
N2 NAG G . -34.75 -34.47 -34.73
O1 NAG G . -36.17 -35.43 -37.10
O3 NAG G . -35.71 -31.84 -33.94
O4 NAG G . -38.55 -31.49 -34.03
O5 NAG G . -37.98 -34.11 -36.52
O6 NAG G . -40.69 -34.15 -36.65
O7 NAG G . -33.07 -33.49 -35.86
CL CL H . -5.20 1.62 -16.85
CL CL I . -29.12 -0.77 5.38
O1 MES J . -22.04 -4.43 15.63
C2 MES J . -21.20 -3.51 14.90
C3 MES J . -19.77 -4.02 14.70
N4 MES J . -19.82 -5.38 14.18
C5 MES J . -21.10 -6.06 14.06
C6 MES J . -21.76 -5.81 15.42
C7 MES J . -18.66 -5.88 13.45
C8 MES J . -18.77 -7.41 13.44
S MES J . -17.67 -7.94 12.29
O1S MES J . -16.85 -9.06 12.81
O2S MES J . -18.42 -8.39 11.10
O3S MES J . -16.78 -6.81 11.94
C1 PEG K . -21.81 -46.55 -16.10
O1 PEG K . -21.45 -47.90 -16.23
C2 PEG K . -23.32 -46.42 -15.94
O2 PEG K . -23.81 -45.45 -16.83
C3 PEG K . -24.81 -45.91 -17.69
C4 PEG K . -24.39 -45.66 -19.14
O4 PEG K . -24.50 -46.86 -19.87
C1 PEG L . -31.78 -45.56 -4.93
O1 PEG L . -30.83 -46.56 -4.63
C2 PEG L . -32.11 -45.59 -6.42
O2 PEG L . -30.98 -45.18 -7.16
C3 PEG L . -31.21 -44.98 -8.53
C4 PEG L . -30.39 -45.97 -9.34
O4 PEG L . -31.21 -46.54 -10.32
CAK 8U5 M . 26.27 14.55 10.05
CAL 8U5 M . 26.14 15.97 10.41
CAM 8U5 M . 27.38 16.55 10.99
CBP 8U5 M . 25.06 16.71 10.07
CAQ 8U5 M . 24.84 16.54 8.69
CAR 8U5 M . 23.82 17.28 8.07
CAP 8U5 M . 25.61 15.58 7.90
CAJ 8U5 M . 26.79 14.86 8.66
CAH 8U5 M . 27.93 15.73 8.68
CAG 8U5 M . 28.20 16.58 9.81
NAN 8U5 M . 29.24 17.41 9.78
CAF 8U5 M . 30.07 17.51 8.73
CAA 8U5 M . 31.12 18.42 8.81
CAB 8U5 M . 32.01 18.54 7.75
CL 8U5 M . 33.31 19.68 7.81
CAC 8U5 M . 31.85 17.78 6.59
CAD 8U5 M . 30.79 16.88 6.53
CAE 8U5 M . 29.87 16.72 7.58
CAI 8U5 M . 28.78 15.83 7.57
NAT 8U5 M . 28.49 15.01 6.50
CAS 8U5 M . 28.66 15.29 5.05
CAU 8U5 M . 27.34 15.48 4.29
CAV 8U5 M . 27.59 16.41 3.08
CAW 8U5 M . 26.66 16.13 1.91
CBO 8U5 M . 26.44 17.33 0.93
CBN 8U5 M . 25.51 17.05 -0.28
CBM 8U5 M . 25.57 18.17 -1.32
CBL 8U5 M . 25.35 17.64 -2.77
CBK 8U5 M . 23.85 17.49 -3.12
CAX 8U5 M . 23.27 18.74 -3.82
OAY 8U5 M . 23.19 18.83 -5.04
NAZ 8U5 M . 22.84 19.66 -2.96
CBA 8U5 M . 22.24 20.98 -3.24
CBB 8U5 M . 22.48 21.51 -1.99
CBC 8U5 M . 21.46 21.85 -1.10
CBG 8U5 M . 23.81 21.59 -1.59
CBF 8U5 M . 24.19 22.05 -0.34
CBE 8U5 M . 23.17 22.40 0.54
OBH 8U5 M . 23.45 22.86 1.80
CBD 8U5 M . 21.82 22.31 0.17
OBI 8U5 M . 20.90 22.69 1.10
CBJ 8U5 M . 19.74 23.18 0.46
C1 NAG N . 28.45 -14.51 13.46
C2 NAG N . 29.12 -15.88 13.53
C3 NAG N . 30.63 -15.71 13.57
C4 NAG N . 31.10 -14.89 12.37
C5 NAG N . 30.36 -13.55 12.32
C6 NAG N . 30.71 -12.73 11.10
C7 NAG N . 27.99 -17.80 14.53
C8 NAG N . 27.58 -18.49 15.81
N2 NAG N . 28.65 -16.66 14.66
O3 NAG N . 31.25 -16.99 13.57
O4 NAG N . 32.51 -14.67 12.45
O5 NAG N . 28.94 -13.78 12.31
O6 NAG N . 29.67 -12.74 10.13
O7 NAG N . 27.72 -18.27 13.43
C1 NAG O . 11.26 19.58 39.39
C2 NAG O . 11.60 20.93 40.03
C3 NAG O . 11.63 20.79 41.55
C4 NAG O . 10.34 20.16 42.06
C5 NAG O . 10.07 18.86 41.32
C6 NAG O . 8.75 18.21 41.69
C7 NAG O . 12.94 22.34 38.57
C8 NAG O . 14.33 22.75 38.17
N2 NAG O . 12.87 21.42 39.54
O3 NAG O . 11.82 22.09 42.13
O4 NAG O . 10.44 19.91 43.47
O5 NAG O . 10.03 19.10 39.92
O6 NAG O . 7.66 19.09 41.51
O7 NAG O . 11.94 22.82 38.04
#